data_6OC5
#
_entry.id   6OC5
#
_cell.length_a   58.320
_cell.length_b   87.952
_cell.length_c   202.134
_cell.angle_alpha   90.000
_cell.angle_beta   90.000
_cell.angle_gamma   90.000
#
_symmetry.space_group_name_H-M   'P 21 21 21'
#
loop_
_entity.id
_entity.type
_entity.pdbx_description
1 polymer 'Lanthanide-dependent methanol dehydrogenase XoxF'
2 non-polymer 'LANTHANUM (III) ION'
3 water water
#
_entity_poly.entity_id   1
_entity_poly.type   'polypeptide(L)'
_entity_poly.pdbx_seq_one_letter_code
;MRAVHLLALGAGLAAASPALANESVLKGVANPAEQVLQTVDYANTRYSKLDQINASNVKNLQVAWTFSTGVLRGHEGSPL
VVGNIMYVHTPFPNIVYALDLDQGAKIVWKYEPKQDPSVIPVMCCDTVNRGLAYADGAILLHQADTTLVSLDAKSGKVNW
SVKNGDPSKGETNTATVLPVKDKVIVGISGGEFGVQCHVTAYDLKSGKKVWRGYSIGPDDQLIVDPEKTTSLGKPIGKDS
SLKTWEGDQWKTGGGCTWGWFSYDPKLDLMYYGSGNPSTWNPKQRPGDNKWSMTIWARNPDTGMAKWVYQMTPHDEWDFD
GINEMILTDQKFDGKDRPLLTHFDRNGFGYTLDRATGEVLVAEKFDPVVNWATKVDLDKGSKTYGRPLVVSKYSTEQNGE
DVNSKGICPAALGTKDQQPAAFSPKTGLFYVPTNHVCMDYEPFRVTYTPGQPYVGATLSMYPAPGSHGGMGNFIAWDNLQ
GKIKWSNPEQFSAWGGALATAGDVVFYGTLEGFLKAVDSKTGKELYKFKTPSGIIGNVMTYEHKGKQHVAVLSGVGGWAG
IGLAAGLTDPNAGLGAVGGYAALSSYTNLGGQLTVFSLPNN
;
_entity_poly.pdbx_strand_id   A,B
#
loop_
_chem_comp.id
_chem_comp.type
_chem_comp.name
_chem_comp.formula
LA non-polymer 'LANTHANUM (III) ION' 'La 3'
#
# COMPACT_ATOMS: atom_id res chain seq x y z
N ASN A 22 15.62 -22.48 20.34
CA ASN A 22 14.74 -23.01 21.37
C ASN A 22 14.19 -24.37 20.96
N GLU A 23 13.77 -25.16 21.94
CA GLU A 23 13.05 -26.40 21.62
C GLU A 23 11.69 -26.08 21.02
N SER A 24 11.08 -24.96 21.43
CA SER A 24 9.92 -24.44 20.73
C SER A 24 10.20 -24.26 19.24
N VAL A 25 11.37 -23.71 18.91
CA VAL A 25 11.72 -23.50 17.51
C VAL A 25 11.85 -24.85 16.80
N LEU A 26 12.53 -25.80 17.43
CA LEU A 26 12.69 -27.12 16.82
C LEU A 26 11.35 -27.83 16.72
N LYS A 27 10.46 -27.60 17.69
CA LYS A 27 9.09 -28.10 17.59
C LYS A 27 8.37 -27.53 16.38
N GLY A 28 8.58 -26.25 16.09
CA GLY A 28 7.87 -25.63 14.98
C GLY A 28 8.39 -26.05 13.61
N VAL A 29 9.72 -26.23 13.49
CA VAL A 29 10.30 -26.70 12.23
C VAL A 29 9.77 -28.09 11.88
N ALA A 30 9.66 -28.96 12.88
CA ALA A 30 9.21 -30.32 12.60
C ALA A 30 7.77 -30.37 12.10
N ASN A 31 6.96 -29.36 12.44
CA ASN A 31 5.62 -29.25 11.88
C ASN A 31 5.68 -28.42 10.61
N PRO A 32 5.45 -28.98 9.43
CA PRO A 32 5.57 -28.20 8.19
C PRO A 32 4.43 -27.20 7.99
N ALA A 33 3.35 -27.28 8.75
CA ALA A 33 2.23 -26.37 8.59
C ALA A 33 2.50 -24.98 9.17
N GLU A 34 3.68 -24.73 9.73
CA GLU A 34 3.99 -23.48 10.38
C GLU A 34 5.28 -22.90 9.79
N GLN A 35 5.58 -21.66 10.19
CA GLN A 35 6.84 -21.01 9.87
C GLN A 35 7.23 -20.18 11.09
N VAL A 36 8.16 -20.70 11.89
CA VAL A 36 8.62 -20.01 13.09
C VAL A 36 9.89 -19.21 12.86
N LEU A 37 10.61 -19.47 11.76
CA LEU A 37 11.86 -18.79 11.47
C LEU A 37 11.78 -18.12 10.10
N GLN A 38 12.47 -16.99 9.96
CA GLN A 38 12.58 -16.36 8.66
C GLN A 38 13.33 -17.24 7.67
N THR A 39 14.22 -18.10 8.18
CA THR A 39 15.01 -19.01 7.37
C THR A 39 14.36 -20.39 7.22
N VAL A 40 13.05 -20.48 7.45
CA VAL A 40 12.28 -21.73 7.38
C VAL A 40 12.78 -22.69 8.46
N ASP A 41 14.01 -23.17 8.32
CA ASP A 41 14.60 -24.09 9.29
C ASP A 41 15.89 -23.49 9.86
N TYR A 42 16.50 -24.22 10.79
CA TYR A 42 17.76 -23.78 11.38
C TYR A 42 18.88 -23.78 10.35
N ALA A 43 18.83 -24.69 9.38
CA ALA A 43 19.87 -24.83 8.37
C ALA A 43 19.76 -23.80 7.25
N ASN A 44 18.73 -22.95 7.26
CA ASN A 44 18.48 -21.98 6.18
C ASN A 44 18.31 -22.66 4.83
N THR A 45 17.80 -23.89 4.81
CA THR A 45 17.55 -24.54 3.52
C THR A 45 16.38 -23.91 2.80
N ARG A 46 15.48 -23.24 3.52
CA ARG A 46 14.27 -22.66 2.94
C ARG A 46 13.50 -23.72 2.18
N TYR A 47 13.42 -24.91 2.76
CA TYR A 47 12.76 -26.06 2.15
C TYR A 47 11.50 -26.37 2.94
N SER A 48 10.38 -26.47 2.22
CA SER A 48 9.08 -26.79 2.79
C SER A 48 8.70 -28.21 2.45
N LYS A 49 8.22 -28.97 3.46
CA LYS A 49 7.83 -30.35 3.25
C LYS A 49 6.42 -30.52 2.69
N LEU A 50 5.67 -29.43 2.52
CA LEU A 50 4.31 -29.55 2.00
C LEU A 50 4.34 -29.68 0.49
N ASP A 51 3.52 -30.59 -0.03
CA ASP A 51 3.52 -30.92 -1.46
C ASP A 51 2.12 -30.87 -2.04
N GLN A 52 1.22 -30.12 -1.42
CA GLN A 52 -0.12 -29.94 -1.97
C GLN A 52 -0.06 -29.13 -3.26
N ILE A 53 0.61 -27.98 -3.22
CA ILE A 53 0.87 -27.18 -4.41
C ILE A 53 2.14 -27.76 -5.04
N ASN A 54 1.95 -28.63 -6.03
CA ASN A 54 3.05 -29.34 -6.67
C ASN A 54 3.33 -28.74 -8.05
N ALA A 55 4.24 -29.38 -8.79
CA ALA A 55 4.69 -28.87 -10.07
C ALA A 55 3.66 -29.03 -11.19
N SER A 56 2.54 -29.70 -10.93
CA SER A 56 1.52 -29.91 -11.97
C SER A 56 0.18 -29.27 -11.63
N ASN A 57 0.10 -28.50 -10.55
CA ASN A 57 -1.13 -27.78 -10.25
C ASN A 57 -0.93 -26.33 -9.82
N VAL A 58 0.31 -25.86 -9.72
CA VAL A 58 0.53 -24.46 -9.37
C VAL A 58 0.18 -23.53 -10.53
N LYS A 59 0.03 -24.07 -11.74
CA LYS A 59 -0.63 -23.33 -12.80
C LYS A 59 -2.00 -22.85 -12.35
N ASN A 60 -2.70 -23.66 -11.55
CA ASN A 60 -4.04 -23.37 -11.09
C ASN A 60 -4.06 -22.60 -9.77
N LEU A 61 -2.98 -21.88 -9.46
CA LEU A 61 -2.92 -21.09 -8.24
C LEU A 61 -3.74 -19.82 -8.41
N GLN A 62 -4.47 -19.45 -7.35
CA GLN A 62 -5.20 -18.20 -7.33
C GLN A 62 -5.00 -17.53 -5.99
N VAL A 63 -5.28 -16.24 -5.94
CA VAL A 63 -5.02 -15.45 -4.73
C VAL A 63 -6.07 -15.81 -3.68
N ALA A 64 -5.60 -16.23 -2.51
CA ALA A 64 -6.52 -16.56 -1.43
C ALA A 64 -7.09 -15.29 -0.80
N TRP A 65 -6.20 -14.41 -0.32
CA TRP A 65 -6.62 -13.13 0.24
C TRP A 65 -5.41 -12.21 0.31
N THR A 66 -5.68 -10.92 0.52
CA THR A 66 -4.65 -9.90 0.61
C THR A 66 -4.75 -9.17 1.95
N PHE A 67 -3.71 -8.42 2.26
CA PHE A 67 -3.66 -7.62 3.47
C PHE A 67 -2.58 -6.56 3.30
N SER A 68 -2.91 -5.31 3.61
CA SER A 68 -1.97 -4.21 3.49
C SER A 68 -1.46 -3.82 4.86
N THR A 69 -0.25 -3.26 4.89
CA THR A 69 0.48 -3.01 6.13
C THR A 69 0.33 -1.59 6.63
N GLY A 70 -0.21 -0.69 5.82
CA GLY A 70 -0.21 0.73 6.14
C GLY A 70 1.15 1.39 6.05
N VAL A 71 2.18 0.66 5.61
CA VAL A 71 3.56 1.13 5.59
C VAL A 71 4.09 1.04 4.16
N LEU A 72 4.89 2.03 3.76
CA LEU A 72 5.52 2.01 2.46
C LEU A 72 7.01 1.68 2.59
N ARG A 73 7.79 2.02 1.56
CA ARG A 73 9.18 1.59 1.46
C ARG A 73 9.35 0.08 1.51
N GLY A 74 10.55 -0.38 1.87
CA GLY A 74 10.97 -1.73 1.53
C GLY A 74 10.51 -2.82 2.48
N HIS A 75 9.76 -3.78 1.94
CA HIS A 75 9.19 -4.89 2.71
C HIS A 75 10.02 -6.14 2.45
N GLU A 76 11.06 -6.32 3.25
CA GLU A 76 11.89 -7.51 3.20
C GLU A 76 11.39 -8.54 4.22
N GLY A 77 11.94 -9.74 4.12
CA GLY A 77 11.55 -10.80 5.04
C GLY A 77 10.27 -11.48 4.62
N SER A 78 9.58 -12.07 5.59
CA SER A 78 8.38 -12.83 5.32
C SER A 78 7.63 -13.03 6.63
N PRO A 79 6.30 -13.16 6.58
CA PRO A 79 5.52 -13.29 7.82
C PRO A 79 5.62 -14.66 8.46
N LEU A 80 5.48 -14.68 9.79
CA LEU A 80 5.37 -15.92 10.55
C LEU A 80 3.92 -16.35 10.66
N VAL A 81 3.69 -17.66 10.67
CA VAL A 81 2.45 -18.25 11.19
C VAL A 81 2.84 -19.39 12.13
N VAL A 82 2.22 -19.41 13.30
CA VAL A 82 2.34 -20.52 14.25
C VAL A 82 0.93 -20.86 14.69
N GLY A 83 0.42 -22.02 14.24
CA GLY A 83 -0.97 -22.37 14.45
C GLY A 83 -1.91 -21.64 13.53
N ASN A 84 -2.89 -20.93 14.09
CA ASN A 84 -3.90 -20.23 13.30
C ASN A 84 -3.74 -18.72 13.33
N ILE A 85 -2.56 -18.23 13.71
CA ILE A 85 -2.31 -16.79 13.80
C ILE A 85 -1.08 -16.47 12.95
N MET A 86 -1.25 -15.53 12.01
CA MET A 86 -0.15 -15.05 11.17
C MET A 86 0.41 -13.76 11.74
N TYR A 87 1.73 -13.68 11.82
CA TYR A 87 2.42 -12.51 12.37
C TYR A 87 3.16 -11.80 11.24
N VAL A 88 2.79 -10.55 10.98
CA VAL A 88 3.32 -9.77 9.87
C VAL A 88 4.12 -8.59 10.42
N HIS A 89 5.34 -8.41 9.91
CA HIS A 89 6.18 -7.28 10.23
C HIS A 89 6.21 -6.29 9.07
N THR A 90 6.65 -5.07 9.38
CA THR A 90 6.78 -3.99 8.42
C THR A 90 8.17 -3.37 8.50
N PRO A 91 8.52 -2.51 7.54
CA PRO A 91 9.68 -1.63 7.74
C PRO A 91 9.36 -0.51 8.74
N PHE A 92 10.20 0.51 8.79
CA PHE A 92 10.10 1.55 9.80
C PHE A 92 8.69 2.15 9.80
N PRO A 93 8.03 2.29 10.97
CA PRO A 93 8.61 2.06 12.30
C PRO A 93 8.46 0.64 12.86
N ASN A 94 8.48 -0.37 11.98
CA ASN A 94 8.52 -1.78 12.38
C ASN A 94 7.28 -2.16 13.20
N ILE A 95 6.12 -2.02 12.58
CA ILE A 95 4.86 -2.44 13.18
C ILE A 95 4.67 -3.94 12.99
N VAL A 96 4.11 -4.60 14.00
CA VAL A 96 3.79 -6.01 13.94
C VAL A 96 2.29 -6.18 13.98
N TYR A 97 1.74 -6.91 13.01
CA TYR A 97 0.33 -7.27 13.00
C TYR A 97 0.21 -8.77 13.27
N ALA A 98 -0.77 -9.13 14.08
CA ALA A 98 -1.10 -10.52 14.36
C ALA A 98 -2.46 -10.81 13.72
N LEU A 99 -2.47 -11.60 12.66
CA LEU A 99 -3.67 -11.87 11.89
C LEU A 99 -4.23 -13.24 12.28
N ASP A 100 -5.48 -13.25 12.76
CA ASP A 100 -6.15 -14.49 13.12
C ASP A 100 -6.70 -15.15 11.86
N LEU A 101 -6.09 -16.26 11.45
CA LEU A 101 -6.54 -16.95 10.25
C LEU A 101 -7.91 -17.59 10.44
N ASP A 102 -8.30 -17.87 11.68
CA ASP A 102 -9.66 -18.34 11.95
C ASP A 102 -10.68 -17.23 11.72
N GLN A 103 -10.28 -15.97 11.99
CA GLN A 103 -11.17 -14.83 11.85
C GLN A 103 -11.04 -14.15 10.48
N GLY A 104 -10.43 -14.82 9.50
CA GLY A 104 -10.31 -14.24 8.18
C GLY A 104 -9.25 -13.16 8.10
N ALA A 105 -8.07 -13.44 8.66
CA ALA A 105 -6.94 -12.51 8.68
C ALA A 105 -7.29 -11.21 9.39
N LYS A 106 -8.17 -11.28 10.38
CA LYS A 106 -8.46 -10.13 11.22
C LYS A 106 -7.28 -9.86 12.15
N ILE A 107 -6.99 -8.58 12.39
CA ILE A 107 -5.85 -8.20 13.22
C ILE A 107 -6.19 -8.50 14.67
N VAL A 108 -5.52 -9.50 15.24
CA VAL A 108 -5.73 -9.84 16.65
C VAL A 108 -5.15 -8.76 17.55
N TRP A 109 -3.87 -8.45 17.39
CA TRP A 109 -3.25 -7.34 18.10
C TRP A 109 -2.25 -6.64 17.20
N LYS A 110 -1.89 -5.42 17.60
CA LYS A 110 -0.96 -4.58 16.87
C LYS A 110 0.04 -3.97 17.85
N TYR A 111 1.32 -4.02 17.49
CA TYR A 111 2.37 -3.36 18.26
C TYR A 111 3.07 -2.37 17.35
N GLU A 112 2.80 -1.08 17.54
CA GLU A 112 3.52 -0.03 16.84
C GLU A 112 4.47 0.64 17.81
N PRO A 113 5.77 0.40 17.72
CA PRO A 113 6.71 1.02 18.66
C PRO A 113 7.08 2.43 18.25
N LYS A 114 7.45 3.22 19.24
CA LYS A 114 7.89 4.60 19.02
C LYS A 114 9.41 4.63 18.88
N GLN A 115 9.89 5.02 17.70
CA GLN A 115 11.32 5.19 17.45
C GLN A 115 11.54 6.54 16.76
N ASP A 116 12.75 7.08 16.92
CA ASP A 116 13.03 8.43 16.44
C ASP A 116 13.32 8.41 14.94
N PRO A 117 12.81 9.39 14.19
CA PRO A 117 13.06 9.45 12.73
C PRO A 117 14.50 9.78 12.35
N SER A 118 15.34 10.28 13.26
CA SER A 118 16.78 10.34 13.02
C SER A 118 17.35 9.03 12.52
N VAL A 119 16.75 7.89 12.91
CA VAL A 119 17.33 6.59 12.61
C VAL A 119 17.34 6.30 11.11
N ILE A 120 16.47 6.95 10.34
CA ILE A 120 16.32 6.62 8.91
C ILE A 120 17.46 7.20 8.08
N PRO A 121 17.88 8.46 8.26
CA PRO A 121 19.07 8.92 7.54
C PRO A 121 20.34 8.22 8.00
N VAL A 122 20.29 7.48 9.11
CA VAL A 122 21.42 6.69 9.60
C VAL A 122 21.29 5.23 9.20
N MET A 123 20.34 4.93 8.30
CA MET A 123 20.27 3.65 7.61
C MET A 123 20.80 3.90 6.20
N CYS A 124 21.97 3.29 5.90
CA CYS A 124 22.53 3.18 4.54
C CYS A 124 21.48 2.73 3.58
N CYS A 125 20.91 1.55 3.82
CA CYS A 125 20.29 0.65 2.85
C CYS A 125 18.84 0.37 3.16
N ASP A 126 18.01 1.42 3.04
CA ASP A 126 16.54 1.48 3.14
C ASP A 126 16.08 1.16 4.53
N THR A 127 14.81 1.46 4.82
CA THR A 127 14.19 1.21 6.11
C THR A 127 13.82 -0.24 6.36
N VAL A 128 14.42 -1.15 5.59
CA VAL A 128 13.94 -2.53 5.56
C VAL A 128 14.13 -3.22 6.90
N ASN A 129 13.26 -4.20 7.18
CA ASN A 129 13.37 -5.08 8.33
C ASN A 129 13.12 -6.50 7.86
N ARG A 130 13.97 -7.44 8.30
CA ARG A 130 14.02 -8.78 7.73
C ARG A 130 13.24 -9.81 8.55
N GLY A 131 12.33 -9.40 9.42
CA GLY A 131 11.29 -10.27 9.90
C GLY A 131 11.47 -10.69 11.36
N LEU A 132 10.53 -11.53 11.78
CA LEU A 132 10.38 -11.96 13.17
C LEU A 132 10.90 -13.37 13.40
N ALA A 133 10.90 -13.76 14.67
CA ALA A 133 11.15 -15.13 15.08
C ALA A 133 10.21 -15.45 16.23
N TYR A 134 9.81 -16.72 16.32
CA TYR A 134 8.95 -17.20 17.39
C TYR A 134 9.71 -18.19 18.25
N ALA A 135 9.56 -18.06 19.57
CA ALA A 135 10.23 -18.96 20.50
C ALA A 135 9.53 -18.91 21.85
N ASP A 136 8.99 -20.05 22.28
CA ASP A 136 8.47 -20.25 23.63
C ASP A 136 7.36 -19.24 23.96
N GLY A 137 6.36 -19.18 23.08
CA GLY A 137 5.24 -18.29 23.30
C GLY A 137 5.56 -16.82 23.21
N ALA A 138 6.64 -16.47 22.52
CA ALA A 138 7.06 -15.08 22.39
C ALA A 138 7.42 -14.78 20.95
N ILE A 139 7.11 -13.58 20.50
CA ILE A 139 7.51 -13.08 19.20
C ILE A 139 8.62 -12.06 19.41
N LEU A 140 9.75 -12.27 18.75
CA LEU A 140 10.92 -11.43 18.95
C LEU A 140 11.14 -10.57 17.70
N LEU A 141 11.21 -9.25 17.91
CA LEU A 141 11.39 -8.29 16.83
C LEU A 141 12.59 -7.41 17.14
N HIS A 142 13.52 -7.35 16.20
CA HIS A 142 14.72 -6.52 16.30
C HIS A 142 14.45 -5.24 15.53
N GLN A 143 14.16 -4.16 16.25
CA GLN A 143 13.74 -2.92 15.63
C GLN A 143 14.90 -2.26 14.87
N ALA A 144 14.55 -1.21 14.12
CA ALA A 144 15.54 -0.51 13.32
C ALA A 144 16.53 0.26 14.18
N ASP A 145 16.09 0.75 15.34
CA ASP A 145 16.95 1.49 16.26
C ASP A 145 17.73 0.56 17.18
N THR A 146 18.10 -0.63 16.70
CA THR A 146 18.92 -1.59 17.45
C THR A 146 18.28 -1.98 18.78
N THR A 147 16.96 -2.14 18.77
CA THR A 147 16.19 -2.51 19.95
C THR A 147 15.60 -3.89 19.74
N LEU A 148 16.01 -4.85 20.59
CA LEU A 148 15.48 -6.20 20.54
C LEU A 148 14.29 -6.30 21.48
N VAL A 149 13.11 -6.55 20.93
CA VAL A 149 11.87 -6.62 21.70
C VAL A 149 11.31 -8.03 21.59
N SER A 150 10.81 -8.55 22.71
CA SER A 150 10.12 -9.83 22.76
C SER A 150 8.67 -9.57 23.13
N LEU A 151 7.76 -9.79 22.19
CA LEU A 151 6.34 -9.55 22.39
C LEU A 151 5.63 -10.87 22.72
N ASP A 152 4.60 -10.77 23.55
CA ASP A 152 3.78 -11.94 23.87
C ASP A 152 3.04 -12.40 22.63
N ALA A 153 3.18 -13.70 22.30
CA ALA A 153 2.65 -14.22 21.03
C ALA A 153 1.13 -14.21 20.97
N LYS A 154 0.46 -14.24 22.12
CA LYS A 154 -1.01 -14.19 22.16
C LYS A 154 -1.54 -12.83 22.55
N SER A 155 -0.71 -11.99 23.17
CA SER A 155 -1.13 -10.70 23.69
C SER A 155 -0.57 -9.51 22.90
N GLY A 156 0.70 -9.55 22.55
CA GLY A 156 1.38 -8.39 22.02
C GLY A 156 1.95 -7.48 23.08
N LYS A 157 1.82 -7.84 24.35
CA LYS A 157 2.43 -7.09 25.43
C LYS A 157 3.94 -7.35 25.44
N VAL A 158 4.68 -6.33 25.87
CA VAL A 158 6.13 -6.39 25.92
C VAL A 158 6.55 -7.24 27.11
N ASN A 159 7.19 -8.38 26.85
CA ASN A 159 7.83 -9.13 27.92
C ASN A 159 9.05 -8.37 28.43
N TRP A 160 9.92 -7.96 27.51
CA TRP A 160 11.07 -7.13 27.83
C TRP A 160 11.52 -6.42 26.56
N SER A 161 12.35 -5.40 26.74
CA SER A 161 12.93 -4.68 25.61
C SER A 161 14.32 -4.20 25.99
N VAL A 162 15.28 -4.43 25.11
CA VAL A 162 16.67 -4.06 25.33
C VAL A 162 17.20 -3.40 24.06
N LYS A 163 17.98 -2.34 24.23
CA LYS A 163 18.63 -1.69 23.11
C LYS A 163 19.99 -2.34 22.88
N ASN A 164 20.22 -2.84 21.67
CA ASN A 164 21.47 -3.53 21.36
C ASN A 164 22.59 -2.56 20.99
N GLY A 165 22.24 -1.41 20.43
CA GLY A 165 23.25 -0.44 20.04
C GLY A 165 22.77 0.98 20.13
N ASP A 166 23.59 1.92 19.68
CA ASP A 166 23.23 3.33 19.71
C ASP A 166 23.22 3.90 18.29
N PRO A 167 22.04 4.20 17.74
CA PRO A 167 22.01 4.82 16.41
C PRO A 167 22.66 6.20 16.39
N SER A 168 22.81 6.82 17.55
CA SER A 168 23.63 8.02 17.69
C SER A 168 24.97 7.86 17.00
N LYS A 169 25.63 6.72 17.23
CA LYS A 169 26.94 6.46 16.64
C LYS A 169 26.85 5.91 15.21
N GLY A 170 25.64 5.76 14.67
CA GLY A 170 25.45 5.22 13.35
C GLY A 170 25.12 3.75 13.29
N GLU A 171 24.52 3.19 14.34
CA GLU A 171 24.29 1.76 14.45
C GLU A 171 22.78 1.50 14.32
N THR A 172 22.40 0.82 13.24
CA THR A 172 21.02 0.44 12.99
C THR A 172 20.92 -1.08 12.90
N ASN A 173 19.71 -1.57 12.66
CA ASN A 173 19.48 -2.99 12.44
C ASN A 173 18.43 -3.17 11.36
N THR A 174 18.71 -4.06 10.40
CA THR A 174 17.75 -4.47 9.40
C THR A 174 17.48 -5.97 9.40
N ALA A 175 18.23 -6.74 10.18
CA ALA A 175 18.17 -8.19 10.15
C ALA A 175 17.23 -8.73 11.21
N THR A 176 17.08 -10.05 11.22
CA THR A 176 16.22 -10.75 12.16
C THR A 176 17.04 -11.30 13.32
N VAL A 177 16.40 -12.11 14.17
CA VAL A 177 17.05 -12.67 15.34
C VAL A 177 17.26 -14.16 15.10
N LEU A 178 18.00 -14.79 16.01
CA LEU A 178 18.19 -16.23 16.00
C LEU A 178 18.01 -16.77 17.41
N PRO A 179 16.89 -17.44 17.70
CA PRO A 179 16.70 -18.01 19.04
C PRO A 179 17.28 -19.41 19.14
N VAL A 180 18.27 -19.60 20.03
CA VAL A 180 18.92 -20.88 20.23
C VAL A 180 18.76 -21.26 21.70
N LYS A 181 18.07 -22.39 21.94
CA LYS A 181 17.85 -22.92 23.28
C LYS A 181 17.25 -21.87 24.21
N ASP A 182 18.03 -21.39 25.17
CA ASP A 182 17.58 -20.37 26.11
C ASP A 182 18.10 -18.99 25.78
N LYS A 183 18.70 -18.80 24.60
CA LYS A 183 19.31 -17.53 24.22
C LYS A 183 18.72 -17.02 22.91
N VAL A 184 18.89 -15.72 22.68
CA VAL A 184 18.56 -15.08 21.41
C VAL A 184 19.80 -14.31 20.96
N ILE A 185 20.38 -14.72 19.85
CA ILE A 185 21.54 -14.05 19.29
C ILE A 185 21.07 -13.13 18.17
N VAL A 186 21.44 -11.85 18.26
CA VAL A 186 21.04 -10.86 17.28
C VAL A 186 22.28 -10.16 16.71
N GLY A 187 22.08 -9.51 15.57
CA GLY A 187 23.13 -8.81 14.88
C GLY A 187 22.93 -7.31 14.87
N ILE A 188 23.93 -6.62 14.33
CA ILE A 188 23.95 -5.16 14.24
C ILE A 188 24.42 -4.77 12.84
N SER A 189 23.93 -3.63 12.38
CA SER A 189 24.29 -3.10 11.08
C SER A 189 24.96 -1.74 11.24
N GLY A 190 25.58 -1.26 10.17
CA GLY A 190 26.34 -0.04 10.22
C GLY A 190 27.71 -0.15 9.59
N GLY A 191 27.81 -0.99 8.56
CA GLY A 191 29.08 -1.12 7.86
C GLY A 191 29.49 0.15 7.15
N GLU A 192 28.51 0.92 6.65
CA GLU A 192 28.78 2.17 5.95
C GLU A 192 28.98 3.35 6.90
N PHE A 193 28.98 3.13 8.21
CA PHE A 193 29.01 4.22 9.17
C PHE A 193 30.15 4.10 10.17
N GLY A 194 31.18 3.31 9.85
CA GLY A 194 32.33 3.18 10.72
C GLY A 194 32.02 2.55 12.06
N VAL A 195 31.06 1.64 12.10
CA VAL A 195 30.73 0.92 13.32
C VAL A 195 31.58 -0.35 13.38
N GLN A 196 32.25 -0.57 14.51
CA GLN A 196 32.85 -1.87 14.78
C GLN A 196 31.79 -2.71 15.46
N CYS A 197 31.58 -3.91 14.93
CA CYS A 197 30.32 -4.60 15.21
C CYS A 197 30.59 -5.96 15.86
N HIS A 198 29.50 -6.72 16.02
CA HIS A 198 29.43 -7.77 17.01
C HIS A 198 28.17 -8.59 16.76
N VAL A 199 28.17 -9.79 17.32
CA VAL A 199 26.98 -10.63 17.37
C VAL A 199 26.71 -10.92 18.83
N THR A 200 25.54 -10.50 19.31
CA THR A 200 25.24 -10.51 20.74
C THR A 200 24.08 -11.43 21.04
N ALA A 201 24.20 -12.14 22.16
CA ALA A 201 23.18 -13.09 22.60
C ALA A 201 22.52 -12.57 23.87
N TYR A 202 21.19 -12.62 23.91
CA TYR A 202 20.42 -12.24 25.08
C TYR A 202 19.53 -13.40 25.50
N ASP A 203 19.26 -13.48 26.80
CA ASP A 203 18.45 -14.57 27.32
C ASP A 203 17.01 -14.46 26.82
N LEU A 204 16.42 -15.61 26.50
CA LEU A 204 15.07 -15.65 25.93
C LEU A 204 14.05 -15.05 26.87
N LYS A 205 13.95 -15.59 28.09
CA LYS A 205 12.96 -15.10 29.04
C LYS A 205 13.39 -13.78 29.67
N SER A 206 14.69 -13.62 29.93
CA SER A 206 15.17 -12.46 30.67
C SER A 206 15.41 -11.24 29.77
N GLY A 207 16.01 -11.44 28.59
CA GLY A 207 16.48 -10.33 27.81
C GLY A 207 17.82 -9.79 28.24
N LYS A 208 18.50 -10.49 29.15
CA LYS A 208 19.78 -10.05 29.68
C LYS A 208 20.92 -10.49 28.78
N LYS A 209 21.91 -9.63 28.62
CA LYS A 209 23.04 -9.93 27.75
C LYS A 209 23.88 -11.05 28.34
N VAL A 210 24.17 -12.06 27.52
CA VAL A 210 24.96 -13.22 27.95
C VAL A 210 26.39 -13.05 27.48
N TRP A 211 26.58 -12.93 26.18
CA TRP A 211 27.89 -12.73 25.59
C TRP A 211 27.77 -11.89 24.33
N ARG A 212 28.87 -11.24 23.96
CA ARG A 212 28.93 -10.45 22.74
C ARG A 212 30.23 -10.76 22.02
N GLY A 213 30.13 -11.28 20.80
CA GLY A 213 31.31 -11.61 20.03
C GLY A 213 31.51 -10.68 18.86
N TYR A 214 32.53 -9.82 18.95
CA TYR A 214 32.77 -8.83 17.92
C TYR A 214 33.42 -9.48 16.69
N SER A 215 33.17 -8.88 15.52
CA SER A 215 33.85 -9.32 14.31
C SER A 215 35.28 -8.79 14.29
N ILE A 216 35.52 -7.68 14.98
CA ILE A 216 36.78 -6.94 15.00
C ILE A 216 37.13 -6.49 16.41
N GLY A 217 38.43 -6.42 16.68
CA GLY A 217 38.95 -6.01 17.96
C GLY A 217 39.84 -7.06 18.61
N PRO A 218 40.16 -6.83 19.87
CA PRO A 218 41.01 -7.79 20.60
C PRO A 218 40.33 -9.13 20.78
N ASP A 219 41.13 -10.12 21.16
CA ASP A 219 40.65 -11.50 21.18
C ASP A 219 39.55 -11.71 22.21
N ASP A 220 39.51 -10.89 23.27
CA ASP A 220 38.51 -11.14 24.32
C ASP A 220 37.10 -10.74 23.93
N GLN A 221 36.94 -9.76 23.06
CA GLN A 221 35.58 -9.48 22.62
C GLN A 221 35.32 -10.11 21.24
N LEU A 222 36.35 -10.66 20.57
CA LEU A 222 36.03 -11.56 19.46
C LEU A 222 35.49 -12.87 19.98
N ILE A 223 35.78 -13.18 21.24
CA ILE A 223 35.55 -14.51 21.79
C ILE A 223 36.22 -15.53 20.88
N VAL A 224 37.55 -15.49 20.83
CA VAL A 224 38.31 -16.44 20.02
C VAL A 224 39.36 -17.10 20.91
N ASP A 225 39.60 -18.39 20.66
CA ASP A 225 40.70 -19.11 21.28
C ASP A 225 41.91 -19.08 20.35
N PRO A 226 43.00 -18.43 20.74
CA PRO A 226 44.12 -18.27 19.79
C PRO A 226 44.79 -19.58 19.41
N GLU A 227 44.75 -20.60 20.27
CA GLU A 227 45.41 -21.86 19.98
C GLU A 227 44.50 -22.95 19.45
N LYS A 228 43.17 -22.80 19.60
CA LYS A 228 42.25 -23.86 19.25
C LYS A 228 41.26 -23.49 18.15
N THR A 229 41.01 -22.21 17.91
CA THR A 229 40.15 -21.79 16.81
C THR A 229 40.98 -21.68 15.54
N THR A 230 40.61 -22.44 14.51
CA THR A 230 41.38 -22.54 13.29
C THR A 230 40.69 -21.81 12.15
N SER A 231 41.50 -21.30 11.23
CA SER A 231 41.01 -20.79 9.96
C SER A 231 41.81 -21.46 8.85
N LEU A 232 41.10 -22.04 7.89
CA LEU A 232 41.69 -22.90 6.86
C LEU A 232 42.54 -24.00 7.49
N GLY A 233 42.03 -24.60 8.56
CA GLY A 233 42.67 -25.73 9.21
C GLY A 233 43.72 -25.37 10.24
N LYS A 234 44.39 -24.22 10.06
CA LYS A 234 45.46 -23.87 10.98
C LYS A 234 44.98 -22.85 12.01
N PRO A 235 45.50 -22.91 13.23
CA PRO A 235 45.07 -21.96 14.26
C PRO A 235 45.40 -20.53 13.87
N ILE A 236 44.51 -19.61 14.24
CA ILE A 236 44.64 -18.22 13.81
C ILE A 236 45.69 -17.46 14.61
N GLY A 237 46.03 -17.92 15.81
CA GLY A 237 47.04 -17.27 16.61
C GLY A 237 46.53 -16.07 17.39
N LYS A 238 47.43 -15.48 18.15
CA LYS A 238 47.10 -14.34 18.99
C LYS A 238 47.04 -13.06 18.16
N ASP A 239 46.13 -12.17 18.53
CA ASP A 239 45.90 -10.90 17.81
C ASP A 239 45.71 -11.14 16.32
N SER A 240 44.73 -11.98 15.99
CA SER A 240 44.44 -12.26 14.60
C SER A 240 43.81 -11.05 13.90
N SER A 241 42.95 -10.31 14.59
CA SER A 241 42.32 -9.14 13.98
C SER A 241 43.29 -7.96 13.88
N LEU A 242 43.94 -7.61 14.99
CA LEU A 242 44.71 -6.38 15.03
C LEU A 242 46.00 -6.44 14.24
N LYS A 243 46.46 -7.64 13.86
CA LYS A 243 47.64 -7.73 13.02
C LYS A 243 47.38 -7.21 11.62
N THR A 244 46.11 -7.09 11.23
CA THR A 244 45.74 -6.64 9.89
C THR A 244 45.18 -5.23 9.86
N TRP A 245 45.20 -4.51 10.99
CA TRP A 245 44.61 -3.18 11.07
C TRP A 245 45.69 -2.17 11.47
N GLU A 246 45.62 -0.99 10.87
CA GLU A 246 46.56 0.10 11.15
C GLU A 246 46.07 0.92 12.34
N GLY A 247 46.73 0.76 13.48
CA GLY A 247 46.37 1.55 14.65
C GLY A 247 45.00 1.18 15.19
N ASP A 248 44.25 2.18 15.61
CA ASP A 248 42.91 2.00 16.16
C ASP A 248 41.82 2.22 15.12
N GLN A 249 42.10 1.89 13.85
CA GLN A 249 41.07 1.95 12.82
C GLN A 249 40.13 0.76 12.88
N TRP A 250 40.42 -0.23 13.73
CA TRP A 250 39.51 -1.34 13.93
C TRP A 250 38.28 -0.92 14.75
N LYS A 251 38.42 0.10 15.59
CA LYS A 251 37.26 0.64 16.30
C LYS A 251 36.26 1.26 15.33
N THR A 252 36.75 1.86 14.24
CA THR A 252 35.93 2.27 13.11
C THR A 252 35.99 1.25 11.99
N GLY A 253 35.98 -0.04 12.32
CA GLY A 253 36.45 -1.07 11.41
C GLY A 253 35.40 -1.77 10.56
N GLY A 254 34.12 -1.51 10.82
CA GLY A 254 33.07 -2.15 10.04
C GLY A 254 32.81 -3.59 10.44
N GLY A 255 32.65 -4.46 9.45
CA GLY A 255 32.33 -5.85 9.73
C GLY A 255 31.10 -5.99 10.61
N CYS A 256 29.93 -5.74 10.05
CA CYS A 256 28.64 -5.83 10.74
C CYS A 256 27.87 -7.04 10.25
N THR A 257 26.66 -7.25 10.80
CA THR A 257 26.01 -8.56 10.81
C THR A 257 24.52 -8.35 10.55
N TRP A 258 24.19 -8.03 9.30
CA TRP A 258 22.80 -7.75 8.92
C TRP A 258 22.22 -8.85 8.03
N GLY A 259 22.83 -10.03 8.02
CA GLY A 259 22.33 -11.14 7.24
C GLY A 259 21.58 -12.15 8.07
N TRP A 260 21.54 -13.38 7.56
CA TRP A 260 20.81 -14.48 8.19
C TRP A 260 21.81 -15.36 8.94
N PHE A 261 21.34 -15.93 10.05
CA PHE A 261 22.15 -16.83 10.86
C PHE A 261 21.55 -18.23 10.84
N SER A 262 22.41 -19.22 10.77
CA SER A 262 22.03 -20.62 10.77
C SER A 262 22.58 -21.29 12.03
N TYR A 263 22.09 -22.49 12.30
CA TYR A 263 22.45 -23.16 13.53
C TYR A 263 22.39 -24.66 13.32
N ASP A 264 23.37 -25.37 13.85
CA ASP A 264 23.42 -26.83 13.80
C ASP A 264 23.31 -27.37 15.22
N PRO A 265 22.24 -28.09 15.56
CA PRO A 265 22.13 -28.64 16.92
C PRO A 265 23.09 -29.78 17.19
N LYS A 266 23.41 -30.59 16.17
CA LYS A 266 24.32 -31.71 16.37
C LYS A 266 25.75 -31.25 16.57
N LEU A 267 26.11 -30.08 16.06
CA LEU A 267 27.46 -29.54 16.20
C LEU A 267 27.55 -28.40 17.20
N ASP A 268 26.40 -27.87 17.66
CA ASP A 268 26.36 -26.77 18.61
C ASP A 268 27.15 -25.56 18.11
N LEU A 269 26.85 -25.14 16.89
CA LEU A 269 27.58 -24.07 16.25
C LEU A 269 26.63 -23.10 15.57
N MET A 270 26.82 -21.81 15.83
CA MET A 270 26.08 -20.75 15.16
C MET A 270 26.92 -20.19 14.03
N TYR A 271 26.32 -20.02 12.86
CA TYR A 271 27.04 -19.62 11.67
C TYR A 271 26.50 -18.29 11.17
N TYR A 272 27.42 -17.36 10.90
CA TYR A 272 27.06 -16.08 10.31
C TYR A 272 28.24 -15.54 9.52
N GLY A 273 28.01 -14.42 8.87
CA GLY A 273 29.04 -13.74 8.10
C GLY A 273 29.14 -12.28 8.47
N SER A 274 30.37 -11.77 8.48
CA SER A 274 30.62 -10.38 8.81
C SER A 274 30.67 -9.53 7.54
N GLY A 275 30.30 -8.27 7.69
CA GLY A 275 30.15 -7.36 6.56
C GLY A 275 31.44 -6.64 6.19
N ASN A 276 31.27 -5.48 5.59
CA ASN A 276 32.39 -4.77 4.97
C ASN A 276 33.30 -4.16 6.02
N PRO A 277 34.59 -3.99 5.70
CA PRO A 277 35.52 -3.31 6.63
C PRO A 277 35.33 -1.80 6.63
N SER A 278 34.10 -1.37 6.91
CA SER A 278 33.72 0.04 6.98
C SER A 278 34.06 0.80 5.69
N THR A 279 35.07 1.66 5.74
CA THR A 279 35.32 2.61 4.66
C THR A 279 35.55 1.91 3.32
N TRP A 280 35.06 2.54 2.26
CA TRP A 280 35.17 2.02 0.90
C TRP A 280 36.46 2.44 0.20
N ASN A 281 37.31 3.23 0.87
CA ASN A 281 38.61 3.60 0.34
C ASN A 281 39.65 2.64 0.89
N PRO A 282 40.29 1.80 0.07
CA PRO A 282 41.13 0.74 0.62
C PRO A 282 42.54 1.15 1.05
N LYS A 283 43.16 2.16 0.43
CA LYS A 283 44.52 2.46 0.87
C LYS A 283 44.52 3.31 2.13
N GLN A 284 43.40 3.97 2.42
CA GLN A 284 43.19 4.57 3.74
C GLN A 284 42.97 3.49 4.78
N ARG A 285 42.68 2.27 4.33
CA ARG A 285 42.34 1.13 5.18
C ARG A 285 43.32 -0.01 4.92
N PRO A 286 44.59 0.16 5.26
CA PRO A 286 45.59 -0.88 4.92
C PRO A 286 45.47 -2.12 5.79
N GLY A 287 45.87 -3.25 5.22
CA GLY A 287 45.84 -4.53 5.89
C GLY A 287 44.71 -5.42 5.40
N ASP A 288 44.76 -6.67 5.85
CA ASP A 288 43.77 -7.66 5.46
C ASP A 288 42.39 -7.33 6.04
N ASN A 289 42.34 -6.51 7.09
CA ASN A 289 41.09 -6.04 7.69
C ASN A 289 40.26 -7.21 8.22
N LYS A 290 40.93 -8.10 8.95
CA LYS A 290 40.25 -9.21 9.60
C LYS A 290 39.63 -8.76 10.91
N TRP A 291 38.46 -9.31 11.23
CA TRP A 291 37.84 -10.34 10.41
C TRP A 291 36.55 -9.87 9.74
N SER A 292 36.67 -8.87 8.88
CA SER A 292 35.60 -8.54 7.95
C SER A 292 35.54 -9.57 6.83
N MET A 293 34.32 -9.77 6.30
CA MET A 293 34.07 -10.63 5.14
C MET A 293 34.41 -12.09 5.42
N THR A 294 34.08 -12.57 6.62
CA THR A 294 34.48 -13.88 7.08
C THR A 294 33.26 -14.72 7.48
N ILE A 295 33.25 -15.97 7.04
CA ILE A 295 32.33 -16.97 7.58
C ILE A 295 32.71 -17.25 9.03
N TRP A 296 31.76 -17.05 9.95
CA TRP A 296 31.97 -17.24 11.38
C TRP A 296 31.23 -18.48 11.84
N ALA A 297 31.82 -19.21 12.79
CA ALA A 297 31.18 -20.40 13.37
C ALA A 297 31.41 -20.35 14.88
N ARG A 298 30.41 -19.90 15.63
CA ARG A 298 30.52 -19.70 17.07
C ARG A 298 29.62 -20.66 17.83
N ASN A 299 29.93 -20.83 19.12
CA ASN A 299 29.12 -21.54 20.10
C ASN A 299 27.95 -20.64 20.55
N PRO A 300 26.75 -21.20 20.70
CA PRO A 300 25.61 -20.34 21.08
C PRO A 300 25.66 -19.87 22.52
N ASP A 301 26.09 -20.72 23.46
CA ASP A 301 26.08 -20.36 24.87
C ASP A 301 27.27 -19.49 25.23
N THR A 302 28.46 -19.83 24.74
CA THR A 302 29.66 -19.07 25.07
C THR A 302 29.87 -17.93 24.09
N GLY A 303 29.69 -18.21 22.79
CA GLY A 303 29.91 -17.24 21.74
C GLY A 303 31.27 -17.27 21.11
N MET A 304 32.16 -18.12 21.58
CA MET A 304 33.50 -18.18 21.02
C MET A 304 33.56 -19.19 19.88
N ALA A 305 34.29 -18.82 18.83
CA ALA A 305 34.18 -19.48 17.53
C ALA A 305 35.08 -20.71 17.46
N LYS A 306 34.53 -21.81 16.95
CA LYS A 306 35.34 -23.00 16.70
C LYS A 306 36.20 -22.81 15.46
N TRP A 307 35.64 -22.26 14.38
CA TRP A 307 36.42 -21.97 13.19
C TRP A 307 35.87 -20.71 12.52
N VAL A 308 36.69 -20.18 11.61
CA VAL A 308 36.36 -18.97 10.85
C VAL A 308 37.11 -19.03 9.52
N TYR A 309 36.67 -18.22 8.55
CA TYR A 309 37.35 -18.17 7.25
C TYR A 309 37.00 -16.87 6.56
N GLN A 310 38.02 -16.09 6.19
CA GLN A 310 37.81 -14.84 5.47
C GLN A 310 37.77 -15.12 3.97
N MET A 311 36.64 -14.78 3.35
CA MET A 311 36.49 -14.99 1.91
C MET A 311 37.18 -13.89 1.11
N THR A 312 37.03 -12.63 1.53
CA THR A 312 37.54 -11.47 0.81
C THR A 312 38.50 -10.69 1.69
N PRO A 313 39.79 -11.04 1.70
CA PRO A 313 40.75 -10.27 2.50
C PRO A 313 41.02 -8.91 1.87
N HIS A 314 41.01 -7.88 2.72
CA HIS A 314 41.16 -6.48 2.31
C HIS A 314 40.18 -6.13 1.18
N ASP A 315 38.92 -6.00 1.57
CA ASP A 315 37.87 -5.71 0.61
C ASP A 315 38.06 -4.32 0.00
N GLU A 316 37.85 -4.24 -1.31
CA GLU A 316 37.93 -2.99 -2.03
C GLU A 316 36.61 -2.60 -2.70
N TRP A 317 35.55 -3.41 -2.56
CA TRP A 317 34.34 -3.19 -3.34
C TRP A 317 33.05 -3.33 -2.53
N ASP A 318 33.12 -3.40 -1.20
CA ASP A 318 31.95 -3.58 -0.35
C ASP A 318 31.18 -4.83 -0.78
N PHE A 319 31.87 -5.97 -0.69
CA PHE A 319 31.30 -7.27 -1.03
C PHE A 319 30.91 -8.00 0.26
N ASP A 320 29.87 -7.46 0.92
CA ASP A 320 29.53 -7.88 2.26
C ASP A 320 29.28 -9.38 2.34
N GLY A 321 29.98 -10.05 3.24
CA GLY A 321 29.88 -11.49 3.39
C GLY A 321 28.75 -11.90 4.31
N ILE A 322 27.67 -11.12 4.30
CA ILE A 322 26.57 -11.33 5.25
C ILE A 322 25.59 -12.41 4.82
N ASN A 323 25.71 -12.90 3.59
CA ASN A 323 24.67 -13.76 3.02
C ASN A 323 24.55 -15.06 3.81
N GLU A 324 23.40 -15.71 3.65
CA GLU A 324 23.05 -16.88 4.43
C GLU A 324 23.99 -18.05 4.14
N MET A 325 24.24 -18.85 5.17
CA MET A 325 25.02 -20.08 5.05
C MET A 325 24.06 -21.24 5.19
N ILE A 326 23.81 -21.94 4.10
CA ILE A 326 22.79 -22.97 4.10
C ILE A 326 23.45 -24.28 4.49
N LEU A 327 22.99 -24.85 5.60
CA LEU A 327 23.63 -26.01 6.19
C LEU A 327 23.03 -27.27 5.57
N THR A 328 23.88 -28.08 4.95
CA THR A 328 23.43 -29.26 4.23
C THR A 328 24.19 -30.48 4.74
N ASP A 329 23.57 -31.64 4.56
CA ASP A 329 24.20 -32.94 4.77
C ASP A 329 24.24 -33.63 3.42
N GLN A 330 25.36 -33.53 2.73
CA GLN A 330 25.52 -34.07 1.38
C GLN A 330 26.70 -35.02 1.33
N LYS A 331 26.80 -35.72 0.21
CA LYS A 331 27.94 -36.60 -0.06
C LYS A 331 28.94 -35.81 -0.90
N PHE A 332 30.09 -35.50 -0.30
CA PHE A 332 31.17 -34.83 -1.01
C PHE A 332 32.29 -35.84 -1.21
N ASP A 333 32.69 -36.04 -2.47
CA ASP A 333 33.75 -36.98 -2.83
C ASP A 333 33.46 -38.38 -2.31
N GLY A 334 32.19 -38.77 -2.31
CA GLY A 334 31.79 -40.09 -1.87
C GLY A 334 31.63 -40.28 -0.38
N LYS A 335 31.96 -39.27 0.42
CA LYS A 335 31.86 -39.35 1.87
C LYS A 335 30.83 -38.33 2.35
N ASP A 336 29.89 -38.78 3.18
CA ASP A 336 28.90 -37.87 3.74
C ASP A 336 29.58 -36.92 4.72
N ARG A 337 29.39 -35.62 4.50
CA ARG A 337 30.10 -34.61 5.24
C ARG A 337 29.15 -33.50 5.65
N PRO A 338 29.29 -32.97 6.87
CA PRO A 338 28.51 -31.79 7.26
C PRO A 338 28.96 -30.58 6.43
N LEU A 339 28.03 -30.00 5.70
CA LEU A 339 28.38 -28.99 4.71
C LEU A 339 27.80 -27.64 5.09
N LEU A 340 28.41 -26.59 4.52
CA LEU A 340 27.91 -25.23 4.62
C LEU A 340 28.11 -24.58 3.26
N THR A 341 27.03 -24.08 2.68
CA THR A 341 27.07 -23.49 1.35
C THR A 341 26.69 -22.02 1.42
N HIS A 342 27.44 -21.20 0.70
CA HIS A 342 27.33 -19.74 0.82
C HIS A 342 27.47 -19.11 -0.55
N PHE A 343 26.61 -18.13 -0.83
CA PHE A 343 26.65 -17.35 -2.06
C PHE A 343 27.00 -15.91 -1.68
N ASP A 344 28.29 -15.60 -1.73
CA ASP A 344 28.76 -14.28 -1.34
C ASP A 344 28.43 -13.24 -2.41
N ARG A 345 28.46 -11.97 -2.00
CA ARG A 345 28.30 -10.89 -2.95
C ARG A 345 29.49 -10.79 -3.90
N ASN A 346 30.66 -11.29 -3.50
CA ASN A 346 31.83 -11.19 -4.36
C ASN A 346 31.69 -12.01 -5.64
N GLY A 347 30.73 -12.92 -5.72
CA GLY A 347 30.47 -13.67 -6.93
C GLY A 347 30.88 -15.13 -6.88
N PHE A 348 31.29 -15.65 -5.73
CA PHE A 348 31.77 -17.02 -5.61
C PHE A 348 30.80 -17.83 -4.75
N GLY A 349 30.44 -19.01 -5.22
CA GLY A 349 29.62 -19.91 -4.43
C GLY A 349 30.47 -20.83 -3.59
N TYR A 350 30.56 -20.55 -2.30
CA TYR A 350 31.45 -21.28 -1.40
C TYR A 350 30.75 -22.51 -0.83
N THR A 351 31.49 -23.61 -0.76
CA THR A 351 31.04 -24.82 -0.09
C THR A 351 32.09 -25.20 0.94
N LEU A 352 31.69 -25.30 2.21
CA LEU A 352 32.62 -25.49 3.31
C LEU A 352 32.14 -26.62 4.20
N ASP A 353 33.11 -27.27 4.86
CA ASP A 353 32.79 -28.17 5.95
C ASP A 353 32.40 -27.33 7.16
N ARG A 354 31.16 -27.50 7.64
CA ARG A 354 30.68 -26.67 8.74
C ARG A 354 31.19 -27.13 10.10
N ALA A 355 31.95 -28.22 10.15
CA ALA A 355 32.58 -28.67 11.38
C ALA A 355 34.03 -28.23 11.48
N THR A 356 34.82 -28.42 10.42
CA THR A 356 36.24 -28.05 10.43
C THR A 356 36.47 -26.64 9.89
N GLY A 357 35.74 -26.25 8.85
CA GLY A 357 35.98 -25.01 8.14
C GLY A 357 36.78 -25.15 6.87
N GLU A 358 37.14 -26.38 6.49
CA GLU A 358 37.82 -26.65 5.23
C GLU A 358 36.97 -26.17 4.06
N VAL A 359 37.53 -25.27 3.25
CA VAL A 359 36.84 -24.74 2.07
C VAL A 359 36.98 -25.76 0.94
N LEU A 360 35.85 -26.37 0.55
CA LEU A 360 35.86 -27.42 -0.47
C LEU A 360 35.74 -26.85 -1.88
N VAL A 361 34.64 -26.15 -2.17
CA VAL A 361 34.38 -25.60 -3.49
C VAL A 361 34.25 -24.08 -3.37
N ALA A 362 34.86 -23.36 -4.33
CA ALA A 362 34.76 -21.90 -4.40
C ALA A 362 34.79 -21.50 -5.88
N GLU A 363 33.66 -21.67 -6.55
CA GLU A 363 33.51 -21.33 -7.96
C GLU A 363 32.53 -20.18 -8.14
N LYS A 364 32.61 -19.53 -9.29
CA LYS A 364 31.76 -18.38 -9.57
C LYS A 364 30.37 -18.84 -9.97
N PHE A 365 29.35 -18.19 -9.41
CA PHE A 365 27.97 -18.42 -9.82
C PHE A 365 27.43 -17.29 -10.70
N ASP A 366 28.32 -16.44 -11.22
CA ASP A 366 28.07 -15.55 -12.34
C ASP A 366 29.33 -15.55 -13.21
N PRO A 367 29.23 -15.93 -14.49
CA PRO A 367 30.44 -15.98 -15.33
C PRO A 367 31.03 -14.62 -15.68
N VAL A 368 30.33 -13.52 -15.43
CA VAL A 368 30.83 -12.20 -15.78
C VAL A 368 31.64 -11.57 -14.64
N VAL A 369 31.69 -12.22 -13.48
CA VAL A 369 32.49 -11.72 -12.36
C VAL A 369 33.96 -11.72 -12.76
N ASN A 370 34.62 -10.57 -12.61
CA ASN A 370 35.97 -10.39 -13.12
C ASN A 370 36.97 -9.86 -12.09
N TRP A 371 36.53 -9.53 -10.87
CA TRP A 371 37.45 -8.93 -9.90
C TRP A 371 38.52 -9.92 -9.46
N ALA A 372 38.24 -11.22 -9.53
CA ALA A 372 39.21 -12.24 -9.17
C ALA A 372 39.18 -13.35 -10.22
N THR A 373 40.35 -13.88 -10.55
CA THR A 373 40.42 -15.01 -11.48
C THR A 373 39.72 -16.23 -10.87
N LYS A 374 40.09 -16.57 -9.63
CA LYS A 374 39.46 -17.65 -8.89
C LYS A 374 39.85 -17.50 -7.42
N VAL A 375 39.40 -18.43 -6.61
CA VAL A 375 39.84 -18.56 -5.23
C VAL A 375 40.87 -19.68 -5.19
N ASP A 376 42.08 -19.37 -4.71
CA ASP A 376 43.17 -20.33 -4.70
C ASP A 376 42.90 -21.41 -3.66
N LEU A 377 42.67 -22.64 -4.12
CA LEU A 377 42.39 -23.76 -3.22
C LEU A 377 43.43 -24.87 -3.35
N ASP A 378 44.58 -24.59 -3.95
CA ASP A 378 45.71 -25.51 -3.82
C ASP A 378 46.26 -25.39 -2.41
N LYS A 379 46.26 -26.50 -1.67
CA LYS A 379 46.49 -26.44 -0.23
C LYS A 379 47.89 -25.94 0.12
N GLY A 380 48.85 -26.06 -0.79
CA GLY A 380 50.19 -25.56 -0.55
C GLY A 380 50.60 -24.45 -1.51
N SER A 381 49.63 -23.63 -1.92
CA SER A 381 49.85 -22.60 -2.93
C SER A 381 50.36 -21.27 -2.36
N LYS A 382 50.46 -21.13 -1.04
CA LYS A 382 50.95 -19.94 -0.36
C LYS A 382 49.95 -18.79 -0.46
N THR A 383 49.13 -18.77 -1.51
CA THR A 383 47.96 -17.91 -1.58
C THR A 383 46.69 -18.67 -1.19
N TYR A 384 46.85 -19.75 -0.43
CA TYR A 384 45.77 -20.69 -0.14
C TYR A 384 44.61 -19.99 0.58
N GLY A 385 43.41 -20.17 0.03
CA GLY A 385 42.22 -19.57 0.60
C GLY A 385 42.00 -18.12 0.25
N ARG A 386 42.87 -17.54 -0.58
CA ARG A 386 42.80 -16.15 -0.97
C ARG A 386 42.36 -16.04 -2.42
N PRO A 387 41.42 -15.16 -2.75
CA PRO A 387 41.11 -14.93 -4.16
C PRO A 387 42.23 -14.15 -4.82
N LEU A 388 42.59 -14.55 -6.03
CA LEU A 388 43.63 -13.87 -6.78
C LEU A 388 43.02 -12.63 -7.41
N VAL A 389 43.20 -11.48 -6.75
CA VAL A 389 42.58 -10.25 -7.20
C VAL A 389 43.21 -9.81 -8.52
N VAL A 390 42.36 -9.50 -9.49
CA VAL A 390 42.83 -9.00 -10.78
C VAL A 390 43.24 -7.54 -10.63
N SER A 391 44.41 -7.19 -11.19
CA SER A 391 44.94 -5.84 -11.04
C SER A 391 44.07 -4.80 -11.72
N LYS A 392 43.40 -5.17 -12.83
CA LYS A 392 42.62 -4.19 -13.57
C LYS A 392 41.30 -3.84 -12.88
N TYR A 393 40.77 -4.75 -12.07
CA TYR A 393 39.51 -4.52 -11.36
C TYR A 393 39.71 -4.40 -9.85
N SER A 394 40.84 -3.86 -9.43
CA SER A 394 41.15 -3.65 -8.01
C SER A 394 41.18 -2.15 -7.75
N THR A 395 40.30 -1.70 -6.84
CA THR A 395 40.14 -0.26 -6.63
C THR A 395 41.34 0.37 -5.95
N GLU A 396 42.04 -0.38 -5.10
CA GLU A 396 43.21 0.18 -4.42
C GLU A 396 44.43 0.20 -5.32
N GLN A 397 44.58 -0.80 -6.20
CA GLN A 397 45.70 -0.81 -7.13
C GLN A 397 45.59 0.31 -8.15
N ASN A 398 44.37 0.68 -8.53
CA ASN A 398 44.18 1.85 -9.36
C ASN A 398 44.28 3.14 -8.55
N GLY A 399 44.11 3.07 -7.24
CA GLY A 399 44.37 4.19 -6.35
C GLY A 399 43.15 5.05 -6.07
N GLU A 400 43.33 5.98 -5.14
CA GLU A 400 42.27 6.89 -4.76
C GLU A 400 42.05 7.95 -5.84
N ASP A 401 40.80 8.41 -5.94
CA ASP A 401 40.41 9.44 -6.91
C ASP A 401 40.58 8.97 -8.34
N VAL A 402 40.61 7.65 -8.56
CA VAL A 402 40.69 7.07 -9.90
C VAL A 402 39.50 6.14 -10.09
N ASN A 403 38.88 6.21 -11.26
CA ASN A 403 37.65 5.51 -11.54
C ASN A 403 37.95 4.10 -12.02
N SER A 404 37.54 3.11 -11.23
CA SER A 404 37.65 1.70 -11.60
C SER A 404 36.40 1.31 -12.39
N LYS A 405 36.51 1.34 -13.72
CA LYS A 405 35.39 1.00 -14.58
C LYS A 405 35.35 -0.50 -14.89
N GLY A 406 34.14 -1.06 -14.90
CA GLY A 406 33.92 -2.40 -15.40
C GLY A 406 33.96 -3.52 -14.37
N ILE A 407 33.90 -3.21 -13.08
CA ILE A 407 33.98 -4.25 -12.05
C ILE A 407 32.65 -5.01 -12.00
N CYS A 408 32.73 -6.34 -12.12
CA CYS A 408 31.60 -7.22 -11.93
C CYS A 408 31.89 -8.22 -10.81
N PRO A 409 30.98 -8.36 -9.84
CA PRO A 409 29.67 -7.71 -9.76
C PRO A 409 29.72 -6.31 -9.15
N ALA A 410 28.58 -5.64 -9.03
CA ALA A 410 28.52 -4.32 -8.42
C ALA A 410 28.67 -4.43 -6.91
N ALA A 411 28.66 -3.27 -6.23
CA ALA A 411 28.75 -3.28 -4.77
C ALA A 411 27.60 -4.01 -4.12
N LEU A 412 26.42 -4.04 -4.75
CA LEU A 412 25.35 -4.88 -4.25
C LEU A 412 25.67 -6.37 -4.41
N GLY A 413 26.69 -6.70 -5.21
CA GLY A 413 27.11 -8.06 -5.39
C GLY A 413 26.27 -8.86 -6.37
N THR A 414 26.76 -10.07 -6.64
CA THR A 414 25.99 -11.01 -7.46
C THR A 414 24.69 -11.40 -6.77
N LYS A 415 24.68 -11.40 -5.43
CA LYS A 415 23.48 -11.71 -4.68
C LYS A 415 23.54 -11.00 -3.34
N ASP A 416 22.48 -10.27 -3.00
CA ASP A 416 22.46 -9.48 -1.78
C ASP A 416 21.65 -10.22 -0.71
N GLN A 417 20.76 -9.51 -0.02
CA GLN A 417 20.07 -10.09 1.12
C GLN A 417 19.15 -11.23 0.75
N GLN A 418 18.74 -11.33 -0.51
CA GLN A 418 17.74 -12.32 -0.91
C GLN A 418 18.25 -13.74 -0.66
N PRO A 419 17.61 -14.51 0.23
CA PRO A 419 18.15 -15.81 0.58
C PRO A 419 17.86 -16.87 -0.47
N ALA A 420 18.79 -17.80 -0.62
CA ALA A 420 18.68 -18.90 -1.55
C ALA A 420 17.95 -20.08 -0.89
N ALA A 421 17.40 -20.95 -1.73
CA ALA A 421 16.68 -22.13 -1.27
C ALA A 421 17.41 -23.39 -1.71
N PHE A 422 17.24 -24.46 -0.94
CA PHE A 422 17.84 -25.75 -1.23
C PHE A 422 16.78 -26.84 -1.19
N SER A 423 16.82 -27.73 -2.17
CA SER A 423 15.94 -28.90 -2.21
C SER A 423 16.79 -30.15 -1.99
N PRO A 424 16.59 -30.90 -0.91
CA PRO A 424 17.36 -32.14 -0.71
C PRO A 424 17.04 -33.24 -1.69
N LYS A 425 16.00 -33.10 -2.50
CA LYS A 425 15.65 -34.14 -3.47
C LYS A 425 16.30 -33.93 -4.83
N THR A 426 16.47 -32.68 -5.25
CA THR A 426 17.23 -32.38 -6.45
C THR A 426 18.68 -32.04 -6.14
N GLY A 427 19.00 -31.81 -4.86
CA GLY A 427 20.35 -31.55 -4.45
C GLY A 427 20.94 -30.25 -4.95
N LEU A 428 20.10 -29.34 -5.43
CA LEU A 428 20.58 -28.09 -6.02
C LEU A 428 20.18 -26.91 -5.16
N PHE A 429 20.83 -25.79 -5.44
CA PHE A 429 20.62 -24.55 -4.69
C PHE A 429 20.00 -23.53 -5.63
N TYR A 430 18.81 -23.05 -5.27
CA TYR A 430 18.07 -22.08 -6.08
C TYR A 430 18.35 -20.71 -5.49
N VAL A 431 19.23 -19.97 -6.13
CA VAL A 431 19.71 -18.68 -5.62
C VAL A 431 19.26 -17.60 -6.58
N PRO A 432 18.58 -16.54 -6.07
CA PRO A 432 18.24 -15.38 -6.91
C PRO A 432 19.41 -14.42 -6.94
N THR A 433 19.94 -14.17 -8.13
CA THR A 433 21.18 -13.41 -8.29
C THR A 433 20.92 -12.11 -9.02
N ASN A 434 21.95 -11.26 -9.03
CA ASN A 434 21.95 -9.99 -9.75
C ASN A 434 22.92 -10.08 -10.92
N HIS A 435 22.68 -9.24 -11.92
CA HIS A 435 23.49 -9.21 -13.14
C HIS A 435 23.90 -7.78 -13.46
N VAL A 436 24.48 -7.10 -12.48
CA VAL A 436 24.87 -5.71 -12.61
C VAL A 436 26.35 -5.56 -12.31
N CYS A 437 26.97 -4.55 -12.91
CA CYS A 437 28.36 -4.20 -12.71
C CYS A 437 28.46 -2.73 -12.28
N MET A 438 29.67 -2.19 -12.31
CA MET A 438 29.93 -1.03 -11.46
C MET A 438 31.16 -0.27 -11.93
N ASP A 439 31.06 1.05 -11.88
CA ASP A 439 32.20 1.96 -11.90
C ASP A 439 32.53 2.34 -10.46
N TYR A 440 33.81 2.33 -10.12
CA TYR A 440 34.26 2.52 -8.73
C TYR A 440 35.32 3.60 -8.67
N GLU A 441 35.09 4.61 -7.85
CA GLU A 441 36.11 5.63 -7.61
C GLU A 441 36.16 6.01 -6.13
N PRO A 442 37.20 5.62 -5.41
CA PRO A 442 37.28 5.92 -3.98
C PRO A 442 38.06 7.21 -3.71
N PHE A 443 37.93 7.69 -2.48
CA PHE A 443 38.62 8.89 -2.05
C PHE A 443 38.70 8.90 -0.53
N ARG A 444 39.66 9.66 -0.01
CA ARG A 444 39.84 9.77 1.44
C ARG A 444 38.72 10.59 2.06
N VAL A 445 38.21 10.09 3.19
CA VAL A 445 37.17 10.77 3.96
C VAL A 445 37.50 10.60 5.44
N THR A 446 37.32 11.66 6.21
CA THR A 446 37.54 11.59 7.66
C THR A 446 36.32 11.02 8.35
N TYR A 447 36.57 10.22 9.39
CA TYR A 447 35.48 9.62 10.15
C TYR A 447 34.92 10.60 11.17
N THR A 448 33.59 10.62 11.28
CA THR A 448 32.88 11.44 12.24
C THR A 448 31.74 10.59 12.78
N PRO A 449 31.57 10.51 14.10
CA PRO A 449 30.56 9.62 14.67
C PRO A 449 29.15 10.07 14.34
N GLY A 450 28.35 9.14 13.81
CA GLY A 450 26.99 9.43 13.39
C GLY A 450 26.84 9.81 11.93
N GLN A 451 27.93 9.99 11.21
CA GLN A 451 27.94 10.39 9.81
C GLN A 451 28.43 9.24 8.93
N PRO A 452 28.10 9.27 7.63
CA PRO A 452 28.57 8.20 6.74
C PRO A 452 30.09 8.14 6.65
N TYR A 453 30.59 6.92 6.47
CA TYR A 453 32.02 6.64 6.30
C TYR A 453 32.20 5.76 5.06
N VAL A 454 31.96 6.35 3.90
CA VAL A 454 31.97 5.62 2.64
C VAL A 454 33.29 5.87 1.91
N GLY A 455 33.39 7.00 1.22
CA GLY A 455 34.58 7.32 0.46
C GLY A 455 34.62 6.67 -0.90
N ALA A 456 33.54 6.78 -1.67
CA ALA A 456 33.47 6.21 -3.00
C ALA A 456 32.26 6.77 -3.74
N THR A 457 32.44 7.10 -5.02
CA THR A 457 31.35 7.44 -5.91
C THR A 457 31.18 6.31 -6.91
N LEU A 458 29.97 5.78 -6.99
CA LEU A 458 29.69 4.59 -7.79
C LEU A 458 28.56 4.87 -8.78
N SER A 459 28.47 4.01 -9.79
CA SER A 459 27.41 4.05 -10.77
C SER A 459 27.26 2.65 -11.34
N MET A 460 26.03 2.13 -11.36
CA MET A 460 25.79 0.75 -11.70
C MET A 460 24.98 0.65 -12.98
N TYR A 461 25.01 -0.53 -13.59
CA TYR A 461 24.44 -0.78 -14.90
C TYR A 461 24.34 -2.29 -15.09
N PRO A 462 23.50 -2.75 -16.02
CA PRO A 462 23.41 -4.18 -16.30
C PRO A 462 24.74 -4.75 -16.77
N ALA A 463 24.84 -6.07 -16.71
CA ALA A 463 26.06 -6.75 -17.14
C ALA A 463 26.26 -6.51 -18.64
N PRO A 464 27.47 -6.17 -19.08
CA PRO A 464 27.62 -5.64 -20.45
C PRO A 464 27.47 -6.69 -21.53
N GLY A 465 27.88 -7.94 -21.28
CA GLY A 465 27.94 -8.92 -22.34
C GLY A 465 26.86 -9.98 -22.30
N SER A 466 25.63 -9.60 -21.92
CA SER A 466 24.56 -10.59 -21.83
C SER A 466 23.25 -10.09 -22.43
N HIS A 467 22.14 -10.51 -21.84
CA HIS A 467 20.80 -10.20 -22.33
C HIS A 467 20.31 -8.82 -21.89
N GLY A 468 21.16 -8.01 -21.28
CA GLY A 468 20.77 -6.70 -20.81
C GLY A 468 19.94 -6.68 -19.55
N GLY A 469 19.54 -7.85 -19.03
CA GLY A 469 18.82 -7.89 -17.79
C GLY A 469 19.73 -7.74 -16.60
N MET A 470 19.14 -7.40 -15.45
CA MET A 470 19.90 -7.12 -14.25
C MET A 470 19.82 -8.25 -13.23
N GLY A 471 19.29 -9.41 -13.61
CA GLY A 471 19.18 -10.51 -12.67
C GLY A 471 19.09 -11.85 -13.37
N ASN A 472 19.33 -12.90 -12.59
CA ASN A 472 19.24 -14.27 -13.06
C ASN A 472 18.83 -15.15 -11.90
N PHE A 473 17.88 -16.05 -12.14
CA PHE A 473 17.51 -17.09 -11.17
C PHE A 473 18.12 -18.40 -11.64
N ILE A 474 19.12 -18.88 -10.91
CA ILE A 474 19.92 -20.01 -11.33
C ILE A 474 19.80 -21.12 -10.30
N ALA A 475 20.12 -22.34 -10.73
CA ALA A 475 20.30 -23.49 -9.85
C ALA A 475 21.78 -23.79 -9.75
N TRP A 476 22.23 -24.23 -8.58
CA TRP A 476 23.64 -24.35 -8.28
C TRP A 476 23.97 -25.73 -7.76
N ASP A 477 24.92 -26.40 -8.40
CA ASP A 477 25.52 -27.62 -7.88
C ASP A 477 26.74 -27.22 -7.07
N ASN A 478 26.61 -27.25 -5.74
CA ASN A 478 27.67 -26.81 -4.85
C ASN A 478 28.76 -27.84 -4.65
N LEU A 479 28.54 -29.10 -5.05
CA LEU A 479 29.58 -30.11 -4.92
C LEU A 479 30.58 -30.07 -6.06
N GLN A 480 30.33 -29.27 -7.09
CA GLN A 480 31.28 -29.09 -8.18
C GLN A 480 31.40 -27.64 -8.64
N GLY A 481 30.55 -26.73 -8.16
CA GLY A 481 30.64 -25.33 -8.51
C GLY A 481 30.18 -25.01 -9.91
N LYS A 482 29.00 -25.50 -10.30
CA LYS A 482 28.49 -25.34 -11.65
C LYS A 482 27.05 -24.86 -11.62
N ILE A 483 26.70 -24.07 -12.63
CA ILE A 483 25.33 -23.60 -12.83
C ILE A 483 24.63 -24.59 -13.76
N LYS A 484 23.55 -25.20 -13.26
CA LYS A 484 22.89 -26.25 -14.04
C LYS A 484 21.91 -25.65 -15.05
N TRP A 485 21.12 -24.67 -14.62
CA TRP A 485 20.30 -23.87 -15.53
C TRP A 485 20.13 -22.49 -14.93
N SER A 486 19.85 -21.52 -15.79
CA SER A 486 19.65 -20.15 -15.35
C SER A 486 18.54 -19.49 -16.16
N ASN A 487 17.66 -18.77 -15.46
CA ASN A 487 16.57 -18.05 -16.09
C ASN A 487 16.83 -16.55 -16.00
N PRO A 488 16.98 -15.85 -17.11
CA PRO A 488 17.28 -14.41 -17.05
C PRO A 488 16.07 -13.60 -16.60
N GLU A 489 16.36 -12.45 -15.97
CA GLU A 489 15.34 -11.53 -15.50
C GLU A 489 15.72 -10.11 -15.89
N GLN A 490 14.71 -9.29 -16.21
CA GLN A 490 14.97 -7.92 -16.65
C GLN A 490 15.66 -7.11 -15.57
N PHE A 491 15.07 -7.08 -14.37
CA PHE A 491 15.70 -6.47 -13.22
C PHE A 491 16.31 -7.55 -12.35
N SER A 492 16.85 -7.15 -11.20
CA SER A 492 17.48 -8.12 -10.33
C SER A 492 16.43 -9.02 -9.67
N ALA A 493 16.91 -10.06 -9.02
CA ALA A 493 16.07 -11.01 -8.32
C ALA A 493 16.34 -10.78 -6.83
N TRP A 494 15.66 -9.79 -6.27
CA TRP A 494 15.83 -9.40 -4.88
C TRP A 494 14.90 -10.14 -3.93
N GLY A 495 14.02 -10.98 -4.46
CA GLY A 495 13.10 -11.74 -3.63
C GLY A 495 13.69 -13.07 -3.22
N GLY A 496 13.47 -13.44 -1.95
CA GLY A 496 13.99 -14.70 -1.46
C GLY A 496 13.29 -15.88 -2.09
N ALA A 497 14.06 -16.95 -2.28
CA ALA A 497 13.54 -18.14 -2.92
C ALA A 497 13.01 -19.13 -1.89
N LEU A 498 12.08 -19.97 -2.34
CA LEU A 498 11.50 -21.01 -1.48
C LEU A 498 11.28 -22.26 -2.33
N ALA A 499 11.98 -23.34 -1.99
CA ALA A 499 11.78 -24.63 -2.62
C ALA A 499 10.89 -25.49 -1.73
N THR A 500 10.02 -26.28 -2.37
CA THR A 500 9.10 -27.15 -1.64
C THR A 500 9.18 -28.56 -2.20
N ALA A 501 8.55 -29.49 -1.49
CA ALA A 501 8.51 -30.89 -1.90
C ALA A 501 7.63 -31.14 -3.11
N GLY A 502 6.89 -30.14 -3.57
CA GLY A 502 6.10 -30.25 -4.79
C GLY A 502 6.92 -30.01 -6.04
N ASP A 503 8.25 -30.05 -5.91
CA ASP A 503 9.17 -29.85 -7.02
C ASP A 503 8.98 -28.47 -7.67
N VAL A 504 8.58 -27.48 -6.88
CA VAL A 504 8.46 -26.11 -7.33
C VAL A 504 9.39 -25.24 -6.50
N VAL A 505 9.91 -24.18 -7.12
CA VAL A 505 10.63 -23.12 -6.44
C VAL A 505 9.92 -21.80 -6.70
N PHE A 506 9.58 -21.09 -5.64
CA PHE A 506 8.94 -19.79 -5.73
C PHE A 506 9.96 -18.68 -5.51
N TYR A 507 9.82 -17.60 -6.27
CA TYR A 507 10.59 -16.39 -6.01
C TYR A 507 9.85 -15.19 -6.60
N GLY A 508 10.16 -14.02 -6.06
CA GLY A 508 9.51 -12.77 -6.46
C GLY A 508 10.50 -11.84 -7.13
N THR A 509 10.04 -11.16 -8.18
CA THR A 509 10.85 -10.20 -8.91
C THR A 509 10.51 -8.76 -8.49
N LEU A 510 11.28 -7.83 -9.04
CA LEU A 510 11.14 -6.41 -8.71
C LEU A 510 10.16 -5.70 -9.62
N GLU A 511 9.53 -6.41 -10.56
CA GLU A 511 8.39 -5.88 -11.30
C GLU A 511 7.07 -6.31 -10.69
N GLY A 512 7.10 -6.98 -9.54
CA GLY A 512 5.90 -7.36 -8.84
C GLY A 512 5.47 -8.79 -9.08
N PHE A 513 6.21 -9.54 -9.89
CA PHE A 513 5.79 -10.88 -10.29
C PHE A 513 6.21 -11.91 -9.24
N LEU A 514 5.26 -12.75 -8.85
CA LEU A 514 5.55 -13.96 -8.08
C LEU A 514 5.62 -15.12 -9.06
N LYS A 515 6.81 -15.71 -9.20
CA LYS A 515 7.04 -16.77 -10.18
C LYS A 515 7.26 -18.10 -9.49
N ALA A 516 6.69 -19.15 -10.07
CA ALA A 516 6.94 -20.53 -9.66
C ALA A 516 7.47 -21.29 -10.87
N VAL A 517 8.64 -21.90 -10.71
CA VAL A 517 9.29 -22.65 -11.79
C VAL A 517 9.50 -24.09 -11.33
N ASP A 518 9.98 -24.91 -12.25
CA ASP A 518 10.23 -26.32 -11.96
C ASP A 518 11.53 -26.48 -11.18
N SER A 519 11.55 -27.47 -10.28
CA SER A 519 12.72 -27.67 -9.44
C SER A 519 13.92 -28.13 -10.25
N LYS A 520 13.73 -29.04 -11.21
CA LYS A 520 14.83 -29.53 -12.01
C LYS A 520 14.93 -28.81 -13.36
N THR A 521 13.83 -28.71 -14.10
CA THR A 521 13.89 -28.11 -15.42
C THR A 521 14.06 -26.59 -15.33
N GLY A 522 13.29 -25.94 -14.46
CA GLY A 522 13.36 -24.51 -14.32
C GLY A 522 12.36 -23.73 -15.17
N LYS A 523 11.52 -24.42 -15.94
CA LYS A 523 10.54 -23.75 -16.77
C LYS A 523 9.50 -23.05 -15.91
N GLU A 524 9.12 -21.84 -16.32
CA GLU A 524 8.13 -21.07 -15.57
C GLU A 524 6.79 -21.78 -15.62
N LEU A 525 6.21 -22.02 -14.43
CA LEU A 525 4.91 -22.67 -14.31
C LEU A 525 3.81 -21.76 -13.82
N TYR A 526 4.15 -20.71 -13.07
CA TYR A 526 3.17 -19.76 -12.56
C TYR A 526 3.78 -18.37 -12.55
N LYS A 527 2.93 -17.36 -12.72
CA LYS A 527 3.39 -15.97 -12.76
C LYS A 527 2.20 -15.07 -12.45
N PHE A 528 2.28 -14.33 -11.35
CA PHE A 528 1.21 -13.43 -10.94
C PHE A 528 1.77 -12.08 -10.54
N LYS A 529 1.04 -11.01 -10.89
CA LYS A 529 1.47 -9.64 -10.62
C LYS A 529 0.97 -9.20 -9.25
N THR A 530 1.87 -9.18 -8.27
CA THR A 530 1.59 -8.59 -6.98
C THR A 530 1.68 -7.06 -7.08
N PRO A 531 1.07 -6.33 -6.15
CA PRO A 531 0.89 -4.88 -6.37
C PRO A 531 2.18 -4.08 -6.46
N SER A 532 3.27 -4.55 -5.86
CA SER A 532 4.55 -3.84 -5.95
C SER A 532 5.69 -4.84 -6.06
N GLY A 533 6.88 -4.32 -6.28
CA GLY A 533 8.04 -5.18 -6.46
C GLY A 533 8.36 -5.95 -5.19
N ILE A 534 8.82 -7.18 -5.36
CA ILE A 534 8.99 -8.11 -4.25
C ILE A 534 10.47 -8.15 -3.88
N ILE A 535 10.79 -7.64 -2.69
CA ILE A 535 12.09 -7.83 -2.06
C ILE A 535 12.01 -8.75 -0.85
N GLY A 536 10.83 -9.28 -0.55
CA GLY A 536 10.68 -10.23 0.53
C GLY A 536 10.87 -11.67 0.05
N ASN A 537 10.74 -12.59 1.01
CA ASN A 537 10.95 -14.01 0.77
C ASN A 537 9.63 -14.75 0.73
N VAL A 538 9.56 -15.76 -0.14
CA VAL A 538 8.36 -16.58 -0.24
C VAL A 538 8.29 -17.52 0.96
N MET A 539 7.13 -17.57 1.60
CA MET A 539 6.85 -18.53 2.65
C MET A 539 5.64 -19.36 2.26
N THR A 540 5.46 -20.49 2.94
CA THR A 540 4.28 -21.30 2.78
C THR A 540 3.83 -21.80 4.13
N TYR A 541 2.56 -22.19 4.20
CA TYR A 541 1.99 -22.71 5.43
C TYR A 541 0.73 -23.48 5.09
N GLU A 542 0.19 -24.18 6.08
CA GLU A 542 -1.02 -24.97 5.93
C GLU A 542 -2.00 -24.56 7.01
N HIS A 543 -3.20 -24.17 6.59
CA HIS A 543 -4.25 -23.77 7.51
C HIS A 543 -5.48 -24.62 7.23
N LYS A 544 -5.91 -25.37 8.23
CA LYS A 544 -7.07 -26.27 8.12
C LYS A 544 -6.85 -27.31 7.01
N GLY A 545 -5.60 -27.76 6.85
CA GLY A 545 -5.30 -28.81 5.90
C GLY A 545 -5.04 -28.34 4.49
N LYS A 546 -5.18 -27.04 4.22
CA LYS A 546 -4.99 -26.48 2.89
C LYS A 546 -3.70 -25.69 2.87
N GLN A 547 -2.86 -25.96 1.87
CA GLN A 547 -1.56 -25.29 1.80
C GLN A 547 -1.70 -23.92 1.14
N HIS A 548 -1.17 -22.90 1.80
CA HIS A 548 -1.11 -21.55 1.27
C HIS A 548 0.32 -21.08 1.24
N VAL A 549 0.68 -20.34 0.20
CA VAL A 549 1.99 -19.69 0.11
C VAL A 549 1.75 -18.19 -0.01
N ALA A 550 2.58 -17.42 0.69
CA ALA A 550 2.36 -15.98 0.82
C ALA A 550 3.69 -15.27 0.64
N VAL A 551 3.62 -14.03 0.14
CA VAL A 551 4.81 -13.24 -0.09
C VAL A 551 4.48 -11.78 0.17
N LEU A 552 5.46 -11.05 0.70
CA LEU A 552 5.31 -9.63 0.97
C LEU A 552 5.78 -8.83 -0.23
N SER A 553 5.01 -7.80 -0.58
CA SER A 553 5.35 -6.89 -1.66
C SER A 553 5.64 -5.51 -1.10
N GLY A 554 6.31 -4.69 -1.91
CA GLY A 554 6.79 -3.41 -1.43
C GLY A 554 8.26 -3.25 -1.74
N VAL A 555 8.56 -2.62 -2.88
CA VAL A 555 9.92 -2.58 -3.40
C VAL A 555 10.76 -1.60 -2.60
N GLY A 556 12.05 -1.87 -2.52
CA GLY A 556 12.95 -1.11 -1.67
C GLY A 556 14.32 -1.75 -1.55
N GLY A 557 14.82 -1.87 -0.32
CA GLY A 557 16.16 -2.39 -0.11
C GLY A 557 17.21 -1.46 -0.69
N TRP A 558 18.16 -2.04 -1.43
CA TRP A 558 19.17 -1.25 -2.12
C TRP A 558 19.02 -1.28 -3.64
N ALA A 559 18.17 -2.15 -4.18
CA ALA A 559 17.83 -2.07 -5.60
C ALA A 559 16.70 -1.08 -5.85
N GLY A 560 15.85 -0.85 -4.86
CA GLY A 560 14.77 0.12 -5.00
C GLY A 560 14.97 1.37 -4.17
N ILE A 561 16.23 1.69 -3.86
CA ILE A 561 16.53 2.85 -3.03
C ILE A 561 16.18 4.14 -3.75
N GLY A 562 16.13 4.14 -5.08
CA GLY A 562 15.70 5.34 -5.80
C GLY A 562 14.22 5.61 -5.62
N LEU A 563 13.41 4.55 -5.58
CA LEU A 563 11.97 4.72 -5.34
C LEU A 563 11.65 4.88 -3.86
N ALA A 564 12.42 4.24 -2.99
CA ALA A 564 12.12 4.29 -1.56
C ALA A 564 12.40 5.66 -0.97
N ALA A 565 13.57 6.23 -1.27
CA ALA A 565 13.96 7.52 -0.74
C ALA A 565 13.61 8.68 -1.67
N GLY A 566 13.08 8.40 -2.86
CA GLY A 566 12.81 9.47 -3.80
C GLY A 566 14.03 10.05 -4.46
N LEU A 567 15.11 9.28 -4.52
CA LEU A 567 16.35 9.78 -5.11
C LEU A 567 16.24 9.86 -6.62
N THR A 568 16.74 10.97 -7.18
CA THR A 568 16.69 11.21 -8.61
C THR A 568 18.06 11.30 -9.26
N ASP A 569 19.11 11.66 -8.51
CA ASP A 569 20.43 11.75 -9.09
C ASP A 569 20.94 10.36 -9.47
N PRO A 570 21.66 10.23 -10.59
CA PRO A 570 22.11 8.89 -11.01
C PRO A 570 23.22 8.33 -10.15
N ASN A 571 24.00 9.17 -9.48
CA ASN A 571 25.08 8.71 -8.61
C ASN A 571 24.65 8.56 -7.16
N ALA A 572 23.48 9.07 -6.79
CA ALA A 572 22.99 8.97 -5.42
C ALA A 572 22.56 7.54 -5.11
N GLY A 573 22.25 7.30 -3.84
CA GLY A 573 21.93 5.95 -3.41
C GLY A 573 23.08 4.98 -3.49
N LEU A 574 24.32 5.48 -3.44
CA LEU A 574 25.53 4.67 -3.55
C LEU A 574 25.58 3.92 -4.89
N GLY A 575 25.05 4.54 -5.94
CA GLY A 575 25.21 4.06 -7.30
C GLY A 575 24.02 3.28 -7.83
N ALA A 576 23.15 2.78 -6.96
CA ALA A 576 22.05 1.93 -7.37
C ALA A 576 20.80 2.69 -7.80
N VAL A 577 20.72 3.99 -7.51
CA VAL A 577 19.53 4.76 -7.88
C VAL A 577 19.44 4.93 -9.39
N GLY A 578 20.56 5.31 -10.02
CA GLY A 578 20.58 5.47 -11.46
C GLY A 578 20.60 4.18 -12.24
N GLY A 579 21.06 3.09 -11.62
CA GLY A 579 21.10 1.81 -12.32
C GLY A 579 19.71 1.24 -12.55
N TYR A 580 18.84 1.33 -11.56
CA TYR A 580 17.47 0.85 -11.66
C TYR A 580 16.50 1.96 -12.03
N ALA A 581 16.83 2.71 -13.09
CA ALA A 581 15.99 3.85 -13.48
C ALA A 581 14.67 3.39 -14.09
N ALA A 582 14.71 2.35 -14.92
CA ALA A 582 13.51 1.85 -15.56
C ALA A 582 12.57 1.11 -14.62
N LEU A 583 12.95 0.93 -13.35
CA LEU A 583 12.10 0.21 -12.42
C LEU A 583 10.81 0.97 -12.11
N SER A 584 10.84 2.30 -12.21
CA SER A 584 9.65 3.10 -11.96
C SER A 584 8.67 3.11 -13.12
N SER A 585 8.98 2.39 -14.20
CA SER A 585 8.01 2.12 -15.25
C SER A 585 7.16 0.90 -14.96
N TYR A 586 7.50 0.13 -13.93
CA TYR A 586 6.80 -1.11 -13.61
C TYR A 586 6.14 -1.13 -12.23
N THR A 587 6.60 -0.31 -11.28
CA THR A 587 6.10 -0.43 -9.92
C THR A 587 6.31 0.90 -9.18
N ASN A 588 5.48 1.10 -8.16
CA ASN A 588 5.61 2.19 -7.22
C ASN A 588 5.91 1.62 -5.83
N LEU A 589 5.84 2.47 -4.81
CA LEU A 589 6.00 2.00 -3.45
C LEU A 589 4.82 1.13 -3.04
N GLY A 590 5.07 0.21 -2.11
CA GLY A 590 4.05 -0.74 -1.73
C GLY A 590 4.17 -1.17 -0.29
N GLY A 591 3.18 -1.95 0.14
CA GLY A 591 3.11 -2.46 1.49
C GLY A 591 1.95 -3.43 1.65
N GLN A 592 1.89 -4.42 0.77
CA GLN A 592 0.80 -5.39 0.75
C GLN A 592 1.36 -6.80 0.88
N LEU A 593 0.58 -7.66 1.52
CA LEU A 593 0.86 -9.09 1.61
C LEU A 593 -0.16 -9.87 0.79
N THR A 594 0.32 -10.69 -0.13
CA THR A 594 -0.54 -11.48 -1.00
C THR A 594 -0.43 -12.96 -0.62
N VAL A 595 -1.57 -13.58 -0.34
CA VAL A 595 -1.65 -14.98 0.05
C VAL A 595 -2.31 -15.77 -1.08
N PHE A 596 -1.74 -16.93 -1.40
CA PHE A 596 -2.16 -17.75 -2.52
C PHE A 596 -2.62 -19.12 -2.05
N SER A 597 -3.41 -19.78 -2.89
CA SER A 597 -3.85 -21.15 -2.63
C SER A 597 -4.44 -21.72 -3.92
N LEU A 598 -4.80 -23.00 -3.87
CA LEU A 598 -5.49 -23.74 -4.92
C LEU A 598 -6.99 -23.65 -4.74
N PRO A 599 -7.77 -23.85 -5.81
CA PRO A 599 -9.24 -23.76 -5.65
C PRO A 599 -9.82 -24.90 -4.83
N ASN A 600 -9.25 -26.09 -4.93
CA ASN A 600 -9.75 -27.29 -4.24
C ASN A 600 -11.22 -27.57 -4.55
N ASN B 22 -19.46 15.92 -23.83
CA ASN B 22 -18.90 15.93 -25.18
C ASN B 22 -19.37 14.70 -25.96
N GLU B 23 -19.34 14.80 -27.29
CA GLU B 23 -19.61 13.63 -28.12
C GLU B 23 -18.51 12.59 -27.98
N SER B 24 -17.27 13.04 -27.75
CA SER B 24 -16.19 12.12 -27.37
C SER B 24 -16.59 11.27 -26.16
N VAL B 25 -17.19 11.90 -25.14
CA VAL B 25 -17.54 11.17 -23.93
C VAL B 25 -18.60 10.11 -24.21
N LEU B 26 -19.67 10.49 -24.92
CA LEU B 26 -20.76 9.56 -25.17
C LEU B 26 -20.34 8.41 -26.08
N LYS B 27 -19.39 8.66 -27.00
CA LYS B 27 -18.82 7.57 -27.77
C LYS B 27 -18.17 6.55 -26.84
N GLY B 28 -17.50 7.02 -25.78
CA GLY B 28 -16.86 6.11 -24.85
C GLY B 28 -17.86 5.39 -23.96
N VAL B 29 -18.93 6.08 -23.56
CA VAL B 29 -19.99 5.43 -22.80
C VAL B 29 -20.64 4.33 -23.63
N ALA B 30 -20.89 4.61 -24.92
CA ALA B 30 -21.52 3.62 -25.78
C ALA B 30 -20.64 2.40 -25.99
N ASN B 31 -19.32 2.54 -25.79
CA ASN B 31 -18.41 1.41 -25.84
C ASN B 31 -18.34 0.81 -24.44
N PRO B 32 -18.89 -0.40 -24.22
CA PRO B 32 -18.88 -0.96 -22.86
C PRO B 32 -17.52 -1.45 -22.41
N ALA B 33 -16.55 -1.56 -23.31
CA ALA B 33 -15.20 -1.98 -22.94
C ALA B 33 -14.38 -0.89 -22.29
N GLU B 34 -14.94 0.31 -22.11
CA GLU B 34 -14.21 1.44 -21.57
C GLU B 34 -14.98 2.06 -20.41
N GLN B 35 -14.31 2.99 -19.72
CA GLN B 35 -14.92 3.81 -18.68
C GLN B 35 -14.29 5.19 -18.77
N VAL B 36 -15.03 6.15 -19.32
CA VAL B 36 -14.53 7.52 -19.46
C VAL B 36 -14.97 8.43 -18.31
N LEU B 37 -15.98 8.02 -17.53
CA LEU B 37 -16.51 8.82 -16.44
C LEU B 37 -16.42 8.05 -15.14
N GLN B 38 -16.19 8.76 -14.05
CA GLN B 38 -16.23 8.12 -12.73
C GLN B 38 -17.62 7.59 -12.43
N THR B 39 -18.65 8.22 -13.00
CA THR B 39 -20.04 7.82 -12.83
C THR B 39 -20.51 6.89 -13.95
N VAL B 40 -19.57 6.24 -14.64
CA VAL B 40 -19.84 5.35 -15.77
C VAL B 40 -20.45 6.11 -16.94
N ASP B 41 -21.67 6.60 -16.77
CA ASP B 41 -22.35 7.32 -17.83
C ASP B 41 -22.73 8.73 -17.37
N TYR B 42 -23.32 9.49 -18.29
CA TYR B 42 -23.78 10.84 -17.96
C TYR B 42 -24.93 10.80 -16.96
N ALA B 43 -25.74 9.73 -17.00
CA ALA B 43 -26.90 9.61 -16.12
C ALA B 43 -26.53 9.16 -14.71
N ASN B 44 -25.26 8.85 -14.45
CA ASN B 44 -24.80 8.36 -13.16
C ASN B 44 -25.53 7.10 -12.73
N THR B 45 -25.98 6.30 -13.69
CA THR B 45 -26.62 5.03 -13.36
C THR B 45 -25.62 4.00 -12.84
N ARG B 46 -24.33 4.16 -13.14
CA ARG B 46 -23.30 3.19 -12.76
C ARG B 46 -23.67 1.79 -13.25
N TYR B 47 -24.18 1.73 -14.49
CA TYR B 47 -24.63 0.49 -15.10
C TYR B 47 -23.70 0.11 -16.25
N SER B 48 -23.22 -1.13 -16.23
CA SER B 48 -22.35 -1.66 -17.27
C SER B 48 -23.14 -2.66 -18.12
N LYS B 49 -23.00 -2.56 -19.44
CA LYS B 49 -23.70 -3.47 -20.34
C LYS B 49 -22.96 -4.79 -20.55
N LEU B 50 -21.80 -4.98 -19.93
CA LEU B 50 -21.06 -6.22 -20.10
C LEU B 50 -21.64 -7.32 -19.22
N ASP B 51 -21.77 -8.52 -19.79
CA ASP B 51 -22.42 -9.63 -19.12
C ASP B 51 -21.58 -10.90 -19.15
N GLN B 52 -20.26 -10.77 -19.28
CA GLN B 52 -19.39 -11.95 -19.23
C GLN B 52 -19.41 -12.57 -17.84
N ILE B 53 -19.16 -11.76 -16.80
CA ILE B 53 -19.26 -12.20 -15.42
C ILE B 53 -20.72 -12.01 -14.99
N ASN B 54 -21.50 -13.08 -15.06
CA ASN B 54 -22.91 -13.05 -14.73
C ASN B 54 -23.13 -13.68 -13.36
N ALA B 55 -24.40 -13.85 -13.00
CA ALA B 55 -24.76 -14.35 -11.67
C ALA B 55 -24.46 -15.84 -11.50
N SER B 56 -24.03 -16.52 -12.55
CA SER B 56 -23.74 -17.95 -12.45
C SER B 56 -22.27 -18.28 -12.71
N ASN B 57 -21.42 -17.27 -12.88
CA ASN B 57 -19.98 -17.50 -12.97
C ASN B 57 -19.16 -16.51 -12.16
N VAL B 58 -19.78 -15.55 -11.47
CA VAL B 58 -19.05 -14.67 -10.58
C VAL B 58 -18.59 -15.42 -9.35
N LYS B 59 -19.14 -16.62 -9.14
CA LYS B 59 -18.59 -17.58 -8.19
C LYS B 59 -17.11 -17.83 -8.45
N ASN B 60 -16.73 -17.92 -9.73
CA ASN B 60 -15.38 -18.28 -10.13
C ASN B 60 -14.46 -17.07 -10.34
N LEU B 61 -14.76 -15.94 -9.72
CA LEU B 61 -13.90 -14.77 -9.89
C LEU B 61 -12.62 -14.92 -9.08
N GLN B 62 -11.50 -14.57 -9.70
CA GLN B 62 -10.21 -14.52 -9.03
C GLN B 62 -9.46 -13.28 -9.50
N VAL B 63 -8.43 -12.91 -8.74
CA VAL B 63 -7.71 -11.67 -9.01
C VAL B 63 -6.89 -11.82 -10.28
N ALA B 64 -7.12 -10.93 -11.24
CA ALA B 64 -6.36 -10.95 -12.48
C ALA B 64 -4.95 -10.41 -12.25
N TRP B 65 -4.85 -9.19 -11.73
CA TRP B 65 -3.57 -8.59 -11.40
C TRP B 65 -3.79 -7.44 -10.43
N THR B 66 -2.71 -7.00 -9.80
CA THR B 66 -2.73 -5.94 -8.82
C THR B 66 -1.79 -4.82 -9.24
N PHE B 67 -1.93 -3.68 -8.56
CA PHE B 67 -1.07 -2.53 -8.78
C PHE B 67 -1.18 -1.63 -7.56
N SER B 68 -0.04 -1.20 -7.03
CA SER B 68 0.00 -0.33 -5.88
C SER B 68 0.35 1.09 -6.31
N THR B 69 -0.12 2.07 -5.54
CA THR B 69 -0.10 3.45 -5.96
C THR B 69 1.08 4.24 -5.40
N GLY B 70 1.80 3.70 -4.42
CA GLY B 70 2.80 4.46 -3.71
C GLY B 70 2.25 5.51 -2.78
N VAL B 71 0.93 5.62 -2.66
CA VAL B 71 0.26 6.63 -1.88
C VAL B 71 -0.64 5.92 -0.87
N LEU B 72 -0.68 6.43 0.36
CA LEU B 72 -1.56 5.85 1.37
C LEU B 72 -2.75 6.79 1.60
N ARG B 73 -3.39 6.65 2.77
CA ARG B 73 -4.67 7.28 3.08
C ARG B 73 -5.74 6.87 2.07
N GLY B 74 -6.77 7.71 1.91
CA GLY B 74 -8.02 7.26 1.32
C GLY B 74 -8.07 7.29 -0.20
N HIS B 75 -8.34 6.13 -0.80
CA HIS B 75 -8.39 5.99 -2.26
C HIS B 75 -9.84 5.92 -2.68
N GLU B 76 -10.42 7.09 -2.95
CA GLU B 76 -11.79 7.17 -3.46
C GLU B 76 -11.77 7.20 -4.99
N GLY B 77 -12.96 7.08 -5.57
CA GLY B 77 -13.07 7.09 -7.02
C GLY B 77 -12.81 5.72 -7.64
N SER B 78 -12.38 5.74 -8.90
CA SER B 78 -12.20 4.52 -9.66
C SER B 78 -11.33 4.81 -10.87
N PRO B 79 -10.59 3.83 -11.38
CA PRO B 79 -9.74 4.07 -12.54
C PRO B 79 -10.55 4.16 -13.82
N LEU B 80 -10.04 4.95 -14.76
CA LEU B 80 -10.57 5.02 -16.10
C LEU B 80 -9.88 4.01 -17.00
N VAL B 81 -10.62 3.49 -17.98
CA VAL B 81 -10.02 2.78 -19.10
C VAL B 81 -10.53 3.43 -20.38
N VAL B 82 -9.58 3.78 -21.27
CA VAL B 82 -9.89 4.31 -22.60
C VAL B 82 -9.01 3.54 -23.57
N GLY B 83 -9.62 2.64 -24.34
CA GLY B 83 -8.83 1.80 -25.20
C GLY B 83 -8.05 0.77 -24.42
N ASN B 84 -6.73 0.79 -24.58
CA ASN B 84 -5.84 -0.14 -23.91
C ASN B 84 -4.99 0.54 -22.83
N ILE B 85 -5.41 1.72 -22.37
CA ILE B 85 -4.67 2.48 -21.37
C ILE B 85 -5.58 2.69 -20.16
N MET B 86 -5.12 2.25 -19.00
CA MET B 86 -5.82 2.47 -17.74
C MET B 86 -5.21 3.66 -17.03
N TYR B 87 -6.05 4.57 -16.56
CA TYR B 87 -5.62 5.78 -15.87
C TYR B 87 -6.04 5.69 -14.40
N VAL B 88 -5.05 5.70 -13.51
CA VAL B 88 -5.28 5.55 -12.07
C VAL B 88 -4.91 6.84 -11.37
N HIS B 89 -5.81 7.32 -10.51
CA HIS B 89 -5.56 8.47 -9.67
C HIS B 89 -5.30 8.03 -8.24
N THR B 90 -4.70 8.92 -7.46
CA THR B 90 -4.38 8.70 -6.07
C THR B 90 -4.91 9.85 -5.24
N PRO B 91 -4.93 9.70 -3.91
CA PRO B 91 -5.10 10.87 -3.05
C PRO B 91 -3.88 11.76 -3.04
N PHE B 92 -3.81 12.69 -2.08
CA PHE B 92 -2.76 13.70 -2.06
C PHE B 92 -1.38 13.05 -2.12
N PRO B 93 -0.49 13.49 -3.01
CA PRO B 93 -0.64 14.69 -3.84
C PRO B 93 -1.30 14.46 -5.21
N ASN B 94 -2.21 13.50 -5.33
CA ASN B 94 -3.01 13.29 -6.52
C ASN B 94 -2.15 12.95 -7.73
N ILE B 95 -1.45 11.83 -7.65
CA ILE B 95 -0.66 11.33 -8.76
C ILE B 95 -1.57 10.61 -9.74
N VAL B 96 -1.30 10.76 -11.03
CA VAL B 96 -2.01 10.06 -12.09
C VAL B 96 -1.04 9.10 -12.76
N TYR B 97 -1.41 7.83 -12.83
CA TYR B 97 -0.66 6.81 -13.54
C TYR B 97 -1.42 6.37 -14.77
N ALA B 98 -0.70 6.15 -15.87
CA ALA B 98 -1.25 5.58 -17.10
C ALA B 98 -0.65 4.20 -17.29
N LEU B 99 -1.48 3.16 -17.13
CA LEU B 99 -1.03 1.78 -17.19
C LEU B 99 -1.42 1.18 -18.54
N ASP B 100 -0.43 0.69 -19.28
CA ASP B 100 -0.67 0.04 -20.57
C ASP B 100 -1.13 -1.38 -20.32
N LEU B 101 -2.41 -1.66 -20.56
CA LEU B 101 -2.95 -3.00 -20.32
C LEU B 101 -2.44 -4.01 -21.33
N ASP B 102 -2.02 -3.58 -22.52
CA ASP B 102 -1.38 -4.50 -23.44
C ASP B 102 0.02 -4.89 -22.97
N GLN B 103 0.71 -3.97 -22.29
CA GLN B 103 2.06 -4.19 -21.81
C GLN B 103 2.11 -4.73 -20.38
N GLY B 104 1.01 -5.25 -19.87
CA GLY B 104 0.98 -5.80 -18.53
C GLY B 104 0.97 -4.74 -17.46
N ALA B 105 0.12 -3.73 -17.61
CA ALA B 105 -0.01 -2.63 -16.66
C ALA B 105 1.31 -1.86 -16.47
N LYS B 106 2.10 -1.77 -17.53
CA LYS B 106 3.31 -0.96 -17.49
C LYS B 106 2.95 0.52 -17.46
N ILE B 107 3.70 1.31 -16.69
CA ILE B 107 3.41 2.72 -16.52
C ILE B 107 3.87 3.45 -17.79
N VAL B 108 2.90 3.96 -18.56
CA VAL B 108 3.23 4.70 -19.77
C VAL B 108 3.79 6.07 -19.41
N TRP B 109 3.05 6.84 -18.62
CA TRP B 109 3.53 8.10 -18.10
C TRP B 109 3.00 8.30 -16.68
N LYS B 110 3.63 9.23 -15.97
CA LYS B 110 3.28 9.54 -14.59
C LYS B 110 3.23 11.05 -14.45
N TYR B 111 2.16 11.55 -13.83
CA TYR B 111 2.03 12.97 -13.52
C TYR B 111 1.91 13.12 -12.02
N GLU B 112 2.99 13.58 -11.38
CA GLU B 112 2.97 13.90 -9.97
C GLU B 112 3.01 15.42 -9.83
N PRO B 113 1.90 16.06 -9.44
CA PRO B 113 1.90 17.52 -9.34
C PRO B 113 2.50 18.00 -8.01
N LYS B 114 3.01 19.22 -8.05
CA LYS B 114 3.57 19.86 -6.87
C LYS B 114 2.47 20.67 -6.18
N GLN B 115 2.15 20.30 -4.94
CA GLN B 115 1.16 21.02 -4.16
C GLN B 115 1.74 21.31 -2.78
N ASP B 116 1.21 22.35 -2.16
CA ASP B 116 1.72 22.74 -0.86
C ASP B 116 1.11 21.85 0.22
N PRO B 117 1.87 21.46 1.23
CA PRO B 117 1.28 20.70 2.34
C PRO B 117 0.28 21.52 3.14
N SER B 118 0.21 22.84 2.94
CA SER B 118 -0.95 23.59 3.41
C SER B 118 -2.27 22.94 3.04
N VAL B 119 -2.32 22.25 1.90
CA VAL B 119 -3.57 21.71 1.40
C VAL B 119 -4.14 20.62 2.29
N ILE B 120 -3.31 19.96 3.11
CA ILE B 120 -3.78 18.79 3.84
C ILE B 120 -4.63 19.13 5.06
N PRO B 121 -4.24 20.04 5.95
CA PRO B 121 -5.13 20.41 7.06
C PRO B 121 -6.33 21.26 6.65
N VAL B 122 -6.35 21.78 5.42
CA VAL B 122 -7.47 22.59 4.96
C VAL B 122 -8.49 21.75 4.18
N MET B 123 -8.38 20.42 4.25
CA MET B 123 -9.39 19.51 3.73
C MET B 123 -10.25 19.08 4.91
N CYS B 124 -11.54 19.41 4.89
CA CYS B 124 -12.46 18.95 5.94
C CYS B 124 -12.21 17.50 6.22
N CYS B 125 -12.47 16.73 5.19
CA CYS B 125 -12.89 15.35 5.22
C CYS B 125 -11.94 14.49 4.38
N ASP B 126 -10.72 14.29 4.91
CA ASP B 126 -9.64 13.46 4.35
C ASP B 126 -9.12 13.96 3.03
N THR B 127 -7.99 13.38 2.60
CA THR B 127 -7.17 13.56 1.41
C THR B 127 -7.78 12.97 0.14
N VAL B 128 -9.06 12.61 0.15
CA VAL B 128 -9.63 11.83 -0.96
C VAL B 128 -9.68 12.66 -2.24
N ASN B 129 -9.61 11.96 -3.37
CA ASN B 129 -9.85 12.53 -4.69
C ASN B 129 -10.73 11.55 -5.45
N ARG B 130 -11.78 12.05 -6.08
CA ARG B 130 -12.82 11.19 -6.64
C ARG B 130 -12.65 10.91 -8.13
N GLY B 131 -11.47 11.13 -8.67
CA GLY B 131 -11.08 10.51 -9.93
C GLY B 131 -11.05 11.49 -11.10
N LEU B 132 -10.75 10.92 -12.26
CA LEU B 132 -10.52 11.65 -13.50
C LEU B 132 -11.72 11.48 -14.44
N ALA B 133 -11.66 12.22 -15.55
CA ALA B 133 -12.61 12.09 -16.64
C ALA B 133 -11.85 12.18 -17.95
N TYR B 134 -12.37 11.51 -18.98
CA TYR B 134 -11.78 11.52 -20.31
C TYR B 134 -12.70 12.25 -21.28
N ALA B 135 -12.11 13.10 -22.10
CA ALA B 135 -12.86 13.86 -23.11
C ALA B 135 -11.91 14.34 -24.18
N ASP B 136 -12.12 13.89 -25.42
CA ASP B 136 -11.42 14.42 -26.60
C ASP B 136 -9.90 14.28 -26.46
N GLY B 137 -9.46 13.07 -26.16
CA GLY B 137 -8.03 12.81 -26.06
C GLY B 137 -7.35 13.45 -24.87
N ALA B 138 -8.09 13.76 -23.80
CA ALA B 138 -7.53 14.42 -22.64
C ALA B 138 -7.98 13.74 -21.36
N ILE B 139 -7.09 13.72 -20.38
CA ILE B 139 -7.39 13.26 -19.03
C ILE B 139 -7.48 14.49 -18.13
N LEU B 140 -8.58 14.62 -17.40
CA LEU B 140 -8.86 15.79 -16.58
C LEU B 140 -8.66 15.45 -15.11
N LEU B 141 -7.83 16.24 -14.43
CA LEU B 141 -7.51 16.03 -13.03
C LEU B 141 -7.79 17.29 -12.24
N HIS B 142 -8.66 17.20 -11.25
CA HIS B 142 -8.94 18.30 -10.34
C HIS B 142 -8.19 18.00 -9.03
N GLN B 143 -7.06 18.68 -8.85
CA GLN B 143 -6.20 18.40 -7.69
C GLN B 143 -6.85 18.89 -6.40
N ALA B 144 -6.21 18.54 -5.28
CA ALA B 144 -6.74 18.93 -3.98
C ALA B 144 -6.65 20.44 -3.77
N ASP B 145 -5.64 21.08 -4.35
CA ASP B 145 -5.48 22.53 -4.23
C ASP B 145 -6.28 23.30 -5.27
N THR B 146 -7.44 22.77 -5.69
CA THR B 146 -8.36 23.45 -6.60
C THR B 146 -7.70 23.80 -7.93
N THR B 147 -6.86 22.90 -8.44
CA THR B 147 -6.17 23.11 -9.70
C THR B 147 -6.72 22.12 -10.72
N LEU B 148 -7.38 22.65 -11.74
CA LEU B 148 -7.96 21.83 -12.81
C LEU B 148 -6.94 21.73 -13.94
N VAL B 149 -6.42 20.52 -14.17
CA VAL B 149 -5.43 20.25 -15.21
C VAL B 149 -6.02 19.28 -16.21
N SER B 150 -5.74 19.52 -17.49
CA SER B 150 -6.09 18.61 -18.58
C SER B 150 -4.81 18.06 -19.20
N LEU B 151 -4.57 16.77 -19.01
CA LEU B 151 -3.37 16.12 -19.51
C LEU B 151 -3.67 15.37 -20.81
N ASP B 152 -2.68 15.34 -21.71
CA ASP B 152 -2.82 14.58 -22.94
C ASP B 152 -2.92 13.09 -22.62
N ALA B 153 -3.95 12.45 -23.17
CA ALA B 153 -4.29 11.08 -22.78
C ALA B 153 -3.23 10.05 -23.18
N LYS B 154 -2.40 10.34 -24.17
CA LYS B 154 -1.37 9.39 -24.59
C LYS B 154 0.02 9.74 -24.08
N SER B 155 0.26 10.99 -23.72
CA SER B 155 1.57 11.47 -23.29
C SER B 155 1.62 11.82 -21.81
N GLY B 156 0.59 12.48 -21.28
CA GLY B 156 0.62 13.04 -19.95
C GLY B 156 1.16 14.45 -19.86
N LYS B 157 1.47 15.09 -20.98
CA LYS B 157 1.90 16.48 -20.96
C LYS B 157 0.73 17.38 -20.62
N VAL B 158 1.03 18.48 -19.94
CA VAL B 158 0.01 19.42 -19.50
C VAL B 158 -0.43 20.27 -20.70
N ASN B 159 -1.71 20.12 -21.07
CA ASN B 159 -2.28 21.04 -22.06
C ASN B 159 -2.47 22.42 -21.46
N TRP B 160 -3.09 22.49 -20.28
CA TRP B 160 -3.24 23.73 -19.55
C TRP B 160 -3.49 23.38 -18.09
N SER B 161 -3.36 24.39 -17.22
CA SER B 161 -3.63 24.23 -15.80
C SER B 161 -4.23 25.53 -15.27
N VAL B 162 -5.32 25.41 -14.50
CA VAL B 162 -6.04 26.57 -13.99
C VAL B 162 -6.33 26.34 -12.51
N LYS B 163 -6.19 27.40 -11.72
CA LYS B 163 -6.54 27.37 -10.31
C LYS B 163 -8.00 27.81 -10.15
N ASN B 164 -8.82 26.95 -9.56
CA ASN B 164 -10.23 27.25 -9.36
C ASN B 164 -10.47 28.05 -8.09
N GLY B 165 -9.63 27.87 -7.07
CA GLY B 165 -9.77 28.58 -5.81
C GLY B 165 -8.45 28.80 -5.12
N ASP B 166 -8.50 29.32 -3.90
CA ASP B 166 -7.30 29.56 -3.09
C ASP B 166 -7.41 28.75 -1.82
N PRO B 167 -6.62 27.70 -1.64
CA PRO B 167 -6.69 26.91 -0.39
C PRO B 167 -6.33 27.71 0.85
N SER B 168 -5.60 28.82 0.71
CA SER B 168 -5.44 29.77 1.81
C SER B 168 -6.77 30.12 2.46
N LYS B 169 -7.78 30.41 1.65
CA LYS B 169 -9.09 30.84 2.14
C LYS B 169 -9.97 29.68 2.60
N GLY B 170 -9.50 28.45 2.54
CA GLY B 170 -10.28 27.31 2.95
C GLY B 170 -10.99 26.56 1.84
N GLU B 171 -10.50 26.64 0.61
CA GLU B 171 -11.16 26.06 -0.55
C GLU B 171 -10.31 24.89 -1.05
N THR B 172 -10.85 23.69 -0.96
CA THR B 172 -10.21 22.48 -1.47
C THR B 172 -11.11 21.84 -2.51
N ASN B 173 -10.64 20.72 -3.07
CA ASN B 173 -11.44 19.93 -3.99
C ASN B 173 -11.22 18.45 -3.71
N THR B 174 -12.30 17.70 -3.59
CA THR B 174 -12.24 16.26 -3.48
C THR B 174 -13.02 15.54 -4.58
N ALA B 175 -13.78 16.26 -5.39
CA ALA B 175 -14.66 15.68 -6.39
C ALA B 175 -13.96 15.66 -7.75
N THR B 176 -14.64 15.07 -8.73
CA THR B 176 -14.15 14.98 -10.09
C THR B 176 -14.82 16.06 -10.95
N VAL B 177 -14.60 15.98 -12.26
CA VAL B 177 -15.11 16.98 -13.19
C VAL B 177 -16.26 16.37 -13.99
N LEU B 178 -16.92 17.21 -14.77
CA LEU B 178 -17.95 16.78 -15.71
C LEU B 178 -17.74 17.47 -17.04
N PRO B 179 -17.24 16.77 -18.05
CA PRO B 179 -17.06 17.40 -19.37
C PRO B 179 -18.31 17.30 -20.23
N VAL B 180 -18.91 18.44 -20.53
CA VAL B 180 -20.13 18.53 -21.33
C VAL B 180 -19.85 19.40 -22.55
N LYS B 181 -20.04 18.83 -23.74
CA LYS B 181 -19.84 19.54 -25.00
C LYS B 181 -18.42 20.10 -25.10
N ASP B 182 -18.29 21.43 -25.07
CA ASP B 182 -16.99 22.07 -25.14
C ASP B 182 -16.52 22.60 -23.78
N LYS B 183 -17.20 22.24 -22.70
CA LYS B 183 -16.90 22.78 -21.38
C LYS B 183 -16.61 21.67 -20.38
N VAL B 184 -15.99 22.05 -19.27
CA VAL B 184 -15.71 21.16 -18.14
C VAL B 184 -16.31 21.81 -16.89
N ILE B 185 -17.25 21.12 -16.27
CA ILE B 185 -17.89 21.60 -15.05
C ILE B 185 -17.20 20.94 -13.87
N VAL B 186 -16.69 21.74 -12.94
CA VAL B 186 -16.06 21.25 -11.73
C VAL B 186 -16.72 21.95 -10.54
N GLY B 187 -16.53 21.35 -9.36
CA GLY B 187 -17.07 21.87 -8.14
C GLY B 187 -15.98 22.38 -7.20
N ILE B 188 -16.43 22.94 -6.08
CA ILE B 188 -15.54 23.47 -5.06
C ILE B 188 -16.04 22.98 -3.71
N SER B 189 -15.10 22.72 -2.80
CA SER B 189 -15.41 22.23 -1.47
C SER B 189 -14.86 23.21 -0.43
N GLY B 190 -15.31 23.02 0.81
CA GLY B 190 -14.95 23.93 1.88
C GLY B 190 -16.16 24.35 2.69
N GLY B 191 -17.13 23.45 2.82
CA GLY B 191 -18.32 23.75 3.59
C GLY B 191 -18.05 23.93 5.07
N GLU B 192 -17.06 23.23 5.61
CA GLU B 192 -16.71 23.35 7.01
C GLU B 192 -15.81 24.54 7.31
N PHE B 193 -15.53 25.39 6.32
CA PHE B 193 -14.56 26.48 6.48
C PHE B 193 -15.16 27.83 6.11
N GLY B 194 -16.49 27.95 6.07
CA GLY B 194 -17.14 29.23 5.80
C GLY B 194 -16.88 29.81 4.43
N VAL B 195 -16.73 28.96 3.42
CA VAL B 195 -16.53 29.38 2.03
C VAL B 195 -17.88 29.52 1.34
N GLN B 196 -18.09 30.62 0.63
CA GLN B 196 -19.23 30.74 -0.27
C GLN B 196 -18.85 30.11 -1.61
N CYS B 197 -19.71 29.23 -2.10
CA CYS B 197 -19.32 28.27 -3.13
C CYS B 197 -20.15 28.42 -4.40
N HIS B 198 -19.87 27.52 -5.34
CA HIS B 198 -20.18 27.75 -6.74
C HIS B 198 -19.92 26.48 -7.54
N VAL B 199 -20.47 26.46 -8.73
CA VAL B 199 -20.20 25.46 -9.75
C VAL B 199 -19.65 26.20 -10.96
N THR B 200 -18.45 25.82 -11.40
CA THR B 200 -17.70 26.61 -12.36
C THR B 200 -17.50 25.85 -13.66
N ALA B 201 -17.59 26.57 -14.78
CA ALA B 201 -17.44 26.01 -16.12
C ALA B 201 -16.17 26.55 -16.76
N TYR B 202 -15.36 25.65 -17.32
CA TYR B 202 -14.17 26.02 -18.05
C TYR B 202 -14.19 25.37 -19.44
N ASP B 203 -13.58 26.06 -20.39
CA ASP B 203 -13.51 25.52 -21.75
C ASP B 203 -12.60 24.30 -21.78
N LEU B 204 -13.02 23.29 -22.56
CA LEU B 204 -12.27 22.04 -22.62
C LEU B 204 -10.86 22.25 -23.16
N LYS B 205 -10.76 22.82 -24.38
CA LYS B 205 -9.46 23.02 -25.00
C LYS B 205 -8.72 24.22 -24.42
N SER B 206 -9.45 25.28 -24.07
CA SER B 206 -8.83 26.52 -23.63
C SER B 206 -8.50 26.51 -22.14
N GLY B 207 -9.42 26.03 -21.31
CA GLY B 207 -9.28 26.14 -19.88
C GLY B 207 -9.70 27.48 -19.30
N LYS B 208 -10.30 28.35 -20.11
CA LYS B 208 -10.71 29.67 -19.67
C LYS B 208 -12.08 29.60 -19.03
N LYS B 209 -12.28 30.40 -17.98
CA LYS B 209 -13.54 30.39 -17.25
C LYS B 209 -14.67 30.92 -18.14
N VAL B 210 -15.75 30.16 -18.23
CA VAL B 210 -16.90 30.56 -19.04
C VAL B 210 -17.98 31.13 -18.12
N TRP B 211 -18.42 30.34 -17.14
CA TRP B 211 -19.38 30.83 -16.17
C TRP B 211 -19.12 30.15 -14.83
N ARG B 212 -19.55 30.82 -13.76
CA ARG B 212 -19.43 30.31 -12.40
C ARG B 212 -20.76 30.52 -11.69
N GLY B 213 -21.39 29.43 -11.28
CA GLY B 213 -22.69 29.52 -10.65
C GLY B 213 -22.67 29.22 -9.17
N TYR B 214 -22.85 30.25 -8.36
CA TYR B 214 -22.81 30.08 -6.92
C TYR B 214 -24.07 29.39 -6.43
N SER B 215 -23.93 28.65 -5.33
CA SER B 215 -25.10 28.08 -4.68
C SER B 215 -25.85 29.11 -3.85
N ILE B 216 -25.13 30.14 -3.37
CA ILE B 216 -25.67 31.11 -2.42
C ILE B 216 -25.26 32.51 -2.88
N GLY B 217 -26.12 33.48 -2.60
CA GLY B 217 -25.86 34.86 -2.95
C GLY B 217 -26.88 35.46 -3.89
N PRO B 218 -26.59 36.66 -4.40
CA PRO B 218 -27.54 37.34 -5.29
C PRO B 218 -27.78 36.58 -6.59
N ASP B 219 -28.85 36.99 -7.28
CA ASP B 219 -29.37 36.23 -8.42
C ASP B 219 -28.37 36.18 -9.58
N ASP B 220 -27.57 37.23 -9.77
CA ASP B 220 -26.55 37.16 -10.80
C ASP B 220 -25.40 36.25 -10.41
N GLN B 221 -25.25 35.94 -9.12
CA GLN B 221 -24.22 35.01 -8.69
C GLN B 221 -24.65 33.56 -8.81
N LEU B 222 -25.95 33.30 -8.62
CA LEU B 222 -26.50 31.98 -8.87
C LEU B 222 -26.69 31.69 -10.35
N ILE B 223 -26.74 32.73 -11.17
CA ILE B 223 -27.19 32.62 -12.56
C ILE B 223 -28.55 31.94 -12.57
N VAL B 224 -29.54 32.62 -12.00
CA VAL B 224 -30.91 32.14 -11.92
C VAL B 224 -31.80 33.16 -12.63
N ASP B 225 -32.83 32.66 -13.31
CA ASP B 225 -33.88 33.51 -13.84
C ASP B 225 -34.99 33.60 -12.81
N PRO B 226 -35.24 34.77 -12.23
CA PRO B 226 -36.21 34.83 -11.11
C PRO B 226 -37.62 34.47 -11.53
N GLU B 227 -37.99 34.68 -12.78
CA GLU B 227 -39.34 34.40 -13.25
C GLU B 227 -39.47 33.07 -13.98
N LYS B 228 -38.37 32.45 -14.38
CA LYS B 228 -38.41 31.26 -15.22
C LYS B 228 -37.85 30.00 -14.57
N THR B 229 -37.00 30.11 -13.55
CA THR B 229 -36.55 28.94 -12.81
C THR B 229 -37.55 28.64 -11.72
N THR B 230 -38.11 27.43 -11.76
CA THR B 230 -39.20 27.06 -10.87
C THR B 230 -38.69 26.12 -9.78
N SER B 231 -39.29 26.24 -8.61
CA SER B 231 -39.11 25.28 -7.53
C SER B 231 -40.49 24.87 -7.04
N LEU B 232 -40.72 23.56 -6.99
CA LEU B 232 -42.06 23.00 -6.72
C LEU B 232 -43.10 23.60 -7.66
N GLY B 233 -42.74 23.72 -8.93
CA GLY B 233 -43.67 24.17 -9.96
C GLY B 233 -43.79 25.67 -10.10
N LYS B 234 -43.56 26.42 -9.00
CA LYS B 234 -43.75 27.86 -9.01
C LYS B 234 -42.41 28.59 -9.13
N PRO B 235 -42.39 29.74 -9.80
CA PRO B 235 -41.14 30.49 -9.93
C PRO B 235 -40.62 30.95 -8.56
N ILE B 236 -39.30 30.96 -8.43
CA ILE B 236 -38.69 31.28 -7.13
C ILE B 236 -38.71 32.77 -6.85
N GLY B 237 -38.86 33.62 -7.86
CA GLY B 237 -38.91 35.05 -7.65
C GLY B 237 -37.53 35.65 -7.52
N LYS B 238 -37.50 36.96 -7.36
CA LYS B 238 -36.24 37.68 -7.24
C LYS B 238 -35.65 37.51 -5.86
N ASP B 239 -34.32 37.38 -5.80
CA ASP B 239 -33.57 37.20 -4.55
C ASP B 239 -34.15 36.08 -3.71
N SER B 240 -34.25 34.90 -4.32
CA SER B 240 -34.72 33.72 -3.59
C SER B 240 -33.70 33.28 -2.55
N SER B 241 -32.41 33.43 -2.87
CA SER B 241 -31.36 33.05 -1.93
C SER B 241 -31.26 34.05 -0.78
N LEU B 242 -31.21 35.35 -1.08
CA LEU B 242 -30.93 36.35 -0.07
C LEU B 242 -32.10 36.58 0.87
N LYS B 243 -33.31 36.16 0.50
CA LYS B 243 -34.44 36.29 1.40
C LYS B 243 -34.35 35.33 2.58
N THR B 244 -33.48 34.34 2.49
CA THR B 244 -33.36 33.28 3.49
C THR B 244 -32.15 33.44 4.39
N TRP B 245 -31.40 34.54 4.27
CA TRP B 245 -30.17 34.75 5.02
C TRP B 245 -30.27 36.02 5.84
N GLU B 246 -29.67 35.99 7.03
CA GLU B 246 -29.65 37.16 7.91
C GLU B 246 -28.49 38.05 7.51
N GLY B 247 -28.81 39.17 6.86
CA GLY B 247 -27.78 40.10 6.44
C GLY B 247 -26.92 39.52 5.34
N ASP B 248 -25.61 39.81 5.42
CA ASP B 248 -24.64 39.31 4.46
C ASP B 248 -23.95 38.04 4.93
N GLN B 249 -24.68 37.19 5.66
CA GLN B 249 -24.15 35.89 6.07
C GLN B 249 -24.10 34.89 4.92
N TRP B 250 -24.62 35.26 3.75
CA TRP B 250 -24.50 34.40 2.58
C TRP B 250 -23.06 34.36 2.05
N LYS B 251 -22.30 35.43 2.30
CA LYS B 251 -20.87 35.40 1.99
C LYS B 251 -20.15 34.38 2.85
N THR B 252 -20.60 34.19 4.08
CA THR B 252 -20.16 33.10 4.95
C THR B 252 -21.10 31.92 4.89
N GLY B 253 -21.62 31.60 3.70
CA GLY B 253 -22.81 30.77 3.60
C GLY B 253 -22.63 29.29 3.34
N GLY B 254 -21.43 28.84 2.97
CA GLY B 254 -21.26 27.42 2.74
C GLY B 254 -21.89 27.01 1.42
N GLY B 255 -22.65 25.91 1.46
CA GLY B 255 -23.26 25.37 0.26
C GLY B 255 -22.28 25.10 -0.86
N CYS B 256 -21.48 24.05 -0.70
CA CYS B 256 -20.47 23.64 -1.68
C CYS B 256 -20.93 22.33 -2.34
N THR B 257 -20.14 21.88 -3.32
CA THR B 257 -20.62 20.92 -4.34
C THR B 257 -19.46 19.96 -4.58
N TRP B 258 -19.26 19.05 -3.63
CA TRP B 258 -18.15 18.10 -3.67
C TRP B 258 -18.62 16.69 -4.02
N GLY B 259 -19.80 16.57 -4.61
CA GLY B 259 -20.37 15.31 -5.01
C GLY B 259 -20.21 15.06 -6.50
N TRP B 260 -21.15 14.29 -7.04
CA TRP B 260 -21.10 13.86 -8.43
C TRP B 260 -22.02 14.72 -9.29
N PHE B 261 -21.65 14.88 -10.56
CA PHE B 261 -22.44 15.64 -11.51
C PHE B 261 -23.00 14.70 -12.58
N SER B 262 -24.25 14.92 -12.96
CA SER B 262 -24.91 14.15 -14.00
C SER B 262 -25.32 15.10 -15.12
N TYR B 263 -25.70 14.52 -16.26
CA TYR B 263 -26.03 15.32 -17.43
C TYR B 263 -27.04 14.58 -18.30
N ASP B 264 -28.01 15.33 -18.81
CA ASP B 264 -29.00 14.81 -19.76
C ASP B 264 -28.81 15.54 -21.08
N PRO B 265 -28.39 14.85 -22.15
CA PRO B 265 -28.20 15.55 -23.43
C PRO B 265 -29.50 15.96 -24.09
N LYS B 266 -30.58 15.20 -23.92
CA LYS B 266 -31.84 15.54 -24.56
C LYS B 266 -32.50 16.77 -23.94
N LEU B 267 -32.20 17.07 -22.69
CA LEU B 267 -32.79 18.21 -21.99
C LEU B 267 -31.81 19.38 -21.80
N ASP B 268 -30.53 19.18 -22.11
CA ASP B 268 -29.51 20.22 -21.93
C ASP B 268 -29.48 20.70 -20.48
N LEU B 269 -29.35 19.75 -19.55
CA LEU B 269 -29.38 20.06 -18.13
C LEU B 269 -28.32 19.25 -17.40
N MET B 270 -27.49 19.94 -16.63
CA MET B 270 -26.53 19.30 -15.73
C MET B 270 -27.08 19.33 -14.31
N TYR B 271 -26.97 18.22 -13.60
CA TYR B 271 -27.57 18.05 -12.29
C TYR B 271 -26.50 17.83 -11.23
N TYR B 272 -26.61 18.56 -10.12
CA TYR B 272 -25.73 18.39 -8.98
C TYR B 272 -26.49 18.78 -7.72
N GLY B 273 -25.83 18.65 -6.58
CA GLY B 273 -26.41 19.04 -5.31
C GLY B 273 -25.47 19.94 -4.52
N SER B 274 -26.07 20.89 -3.79
CA SER B 274 -25.32 21.83 -2.97
C SER B 274 -25.23 21.33 -1.53
N GLY B 275 -24.14 21.68 -0.86
CA GLY B 275 -23.84 21.19 0.46
C GLY B 275 -24.40 22.04 1.58
N ASN B 276 -23.75 21.94 2.74
CA ASN B 276 -24.24 22.50 4.00
C ASN B 276 -24.08 24.01 4.05
N PRO B 277 -24.97 24.70 4.79
CA PRO B 277 -24.86 26.16 4.97
C PRO B 277 -23.78 26.56 5.95
N SER B 278 -22.54 26.16 5.64
CA SER B 278 -21.35 26.48 6.44
C SER B 278 -21.46 26.02 7.88
N THR B 279 -21.63 26.98 8.81
CA THR B 279 -21.56 26.68 10.23
C THR B 279 -22.60 25.65 10.63
N TRP B 280 -22.23 24.79 11.57
CA TRP B 280 -23.12 23.73 12.05
C TRP B 280 -24.05 24.21 13.16
N ASN B 281 -23.93 25.46 13.59
CA ASN B 281 -24.84 26.03 14.58
C ASN B 281 -25.96 26.78 13.87
N PRO B 282 -27.22 26.33 13.99
CA PRO B 282 -28.30 26.94 13.20
C PRO B 282 -28.79 28.27 13.74
N LYS B 283 -28.56 28.58 15.02
CA LYS B 283 -29.14 29.78 15.60
C LYS B 283 -28.41 31.06 15.20
N GLN B 284 -27.17 30.96 14.72
CA GLN B 284 -26.53 32.14 14.14
C GLN B 284 -27.06 32.47 12.75
N ARG B 285 -27.66 31.52 12.04
CA ARG B 285 -28.05 31.70 10.64
C ARG B 285 -29.54 31.43 10.45
N PRO B 286 -30.41 32.31 10.94
CA PRO B 286 -31.85 32.06 10.82
C PRO B 286 -32.30 32.19 9.37
N GLY B 287 -33.35 31.47 9.03
CA GLY B 287 -33.87 31.43 7.68
C GLY B 287 -33.57 30.11 7.00
N ASP B 288 -34.18 29.94 5.82
CA ASP B 288 -34.06 28.69 5.07
C ASP B 288 -32.66 28.46 4.52
N ASN B 289 -31.84 29.50 4.41
CA ASN B 289 -30.45 29.39 3.95
C ASN B 289 -30.37 28.81 2.53
N LYS B 290 -31.15 29.39 1.63
CA LYS B 290 -31.12 28.99 0.23
C LYS B 290 -29.94 29.65 -0.48
N TRP B 291 -29.29 28.91 -1.38
CA TRP B 291 -29.73 27.57 -1.77
C TRP B 291 -28.76 26.49 -1.31
N SER B 292 -28.59 26.35 -0.01
CA SER B 292 -27.94 25.18 0.56
C SER B 292 -28.86 23.97 0.46
N MET B 293 -28.26 22.78 0.38
CA MET B 293 -29.00 21.53 0.42
C MET B 293 -29.97 21.43 -0.76
N THR B 294 -29.49 21.81 -1.94
CA THR B 294 -30.35 22.00 -3.10
C THR B 294 -29.95 21.06 -4.23
N ILE B 295 -30.94 20.35 -4.78
CA ILE B 295 -30.77 19.71 -6.08
C ILE B 295 -30.77 20.81 -7.14
N TRP B 296 -29.72 20.87 -7.93
CA TRP B 296 -29.57 21.90 -8.95
C TRP B 296 -29.73 21.31 -10.35
N ALA B 297 -30.35 22.09 -11.23
CA ALA B 297 -30.51 21.71 -12.64
C ALA B 297 -30.19 22.93 -13.48
N ARG B 298 -28.98 22.99 -14.02
CA ARG B 298 -28.50 24.16 -14.73
C ARG B 298 -28.26 23.84 -16.21
N ASN B 299 -28.19 24.89 -17.01
CA ASN B 299 -27.73 24.77 -18.38
C ASN B 299 -26.21 24.68 -18.41
N PRO B 300 -25.63 23.81 -19.23
CA PRO B 300 -24.17 23.68 -19.23
C PRO B 300 -23.45 24.86 -19.87
N ASP B 301 -24.02 25.44 -20.93
CA ASP B 301 -23.33 26.49 -21.65
C ASP B 301 -23.46 27.84 -20.93
N THR B 302 -24.65 28.19 -20.48
CA THR B 302 -24.90 29.47 -19.82
C THR B 302 -24.75 29.39 -18.31
N GLY B 303 -25.27 28.34 -17.69
CA GLY B 303 -25.36 28.28 -16.24
C GLY B 303 -26.72 28.62 -15.71
N MET B 304 -27.69 28.86 -16.59
CA MET B 304 -29.02 29.26 -16.15
C MET B 304 -29.78 28.01 -15.69
N ALA B 305 -30.44 28.14 -14.55
CA ALA B 305 -31.03 26.98 -13.89
C ALA B 305 -32.44 26.78 -14.41
N LYS B 306 -32.77 25.56 -14.82
CA LYS B 306 -34.16 25.33 -15.21
C LYS B 306 -35.04 25.19 -13.97
N TRP B 307 -34.61 24.36 -13.02
CA TRP B 307 -35.33 24.19 -11.76
C TRP B 307 -34.33 23.87 -10.66
N VAL B 308 -34.80 23.96 -9.42
CA VAL B 308 -34.03 23.64 -8.23
C VAL B 308 -35.01 23.16 -7.17
N TYR B 309 -34.48 22.50 -6.14
CA TYR B 309 -35.31 22.02 -5.04
C TYR B 309 -34.41 21.83 -3.83
N GLN B 310 -34.72 22.52 -2.73
CA GLN B 310 -33.98 22.39 -1.49
C GLN B 310 -34.56 21.24 -0.68
N MET B 311 -33.73 20.24 -0.39
CA MET B 311 -34.19 19.09 0.36
C MET B 311 -34.26 19.38 1.85
N THR B 312 -33.25 20.05 2.41
CA THR B 312 -33.17 20.31 3.85
C THR B 312 -33.11 21.81 4.08
N PRO B 313 -34.26 22.48 4.19
CA PRO B 313 -34.26 23.93 4.47
C PRO B 313 -33.87 24.20 5.92
N HIS B 314 -33.00 25.21 6.09
CA HIS B 314 -32.41 25.54 7.40
C HIS B 314 -31.81 24.29 8.03
N ASP B 315 -30.65 23.87 7.54
CA ASP B 315 -30.02 22.66 8.03
C ASP B 315 -29.57 22.82 9.47
N GLU B 316 -29.81 21.79 10.29
CA GLU B 316 -29.36 21.76 11.67
C GLU B 316 -28.41 20.61 11.97
N TRP B 317 -28.11 19.76 10.98
CA TRP B 317 -27.36 18.53 11.25
C TRP B 317 -26.28 18.24 10.20
N ASP B 318 -25.96 19.18 9.30
CA ASP B 318 -24.97 18.99 8.24
C ASP B 318 -25.29 17.77 7.38
N PHE B 319 -26.45 17.83 6.73
CA PHE B 319 -26.89 16.75 5.84
C PHE B 319 -26.62 17.15 4.38
N ASP B 320 -25.32 17.13 4.03
CA ASP B 320 -24.87 17.68 2.76
C ASP B 320 -25.62 17.03 1.58
N GLY B 321 -26.25 17.87 0.76
CA GLY B 321 -27.04 17.38 -0.35
C GLY B 321 -26.28 17.14 -1.64
N ILE B 322 -25.01 16.75 -1.53
CA ILE B 322 -24.14 16.66 -2.70
C ILE B 322 -24.27 15.35 -3.47
N ASN B 323 -25.01 14.37 -2.95
CA ASN B 323 -24.98 13.03 -3.51
C ASN B 323 -25.47 13.03 -4.97
N GLU B 324 -25.12 11.96 -5.67
CA GLU B 324 -25.34 11.89 -7.11
C GLU B 324 -26.82 11.95 -7.46
N MET B 325 -27.10 12.54 -8.63
CA MET B 325 -28.45 12.63 -9.18
C MET B 325 -28.53 11.69 -10.38
N ILE B 326 -29.22 10.57 -10.20
CA ILE B 326 -29.24 9.49 -11.18
C ILE B 326 -30.44 9.65 -12.10
N LEU B 327 -30.17 9.79 -13.40
CA LEU B 327 -31.20 10.06 -14.40
C LEU B 327 -31.70 8.75 -15.00
N THR B 328 -32.99 8.49 -14.88
CA THR B 328 -33.60 7.27 -15.38
C THR B 328 -34.82 7.60 -16.23
N ASP B 329 -35.19 6.67 -17.11
CA ASP B 329 -36.43 6.74 -17.88
C ASP B 329 -37.32 5.58 -17.45
N GLN B 330 -38.24 5.85 -16.53
CA GLN B 330 -39.14 4.84 -15.98
C GLN B 330 -40.58 5.27 -16.19
N LYS B 331 -41.51 4.34 -15.92
CA LYS B 331 -42.94 4.60 -15.98
C LYS B 331 -43.45 4.93 -14.59
N PHE B 332 -43.81 6.20 -14.38
CA PHE B 332 -44.39 6.67 -13.14
C PHE B 332 -45.87 7.01 -13.37
N ASP B 333 -46.74 6.41 -12.56
CA ASP B 333 -48.19 6.62 -12.66
C ASP B 333 -48.71 6.25 -14.05
N GLY B 334 -48.12 5.22 -14.65
CA GLY B 334 -48.53 4.74 -15.94
C GLY B 334 -47.97 5.49 -17.12
N LYS B 335 -47.24 6.58 -16.91
CA LYS B 335 -46.67 7.39 -17.98
C LYS B 335 -45.15 7.36 -17.87
N ASP B 336 -44.48 7.05 -18.99
CA ASP B 336 -43.03 7.07 -19.03
C ASP B 336 -42.54 8.51 -18.94
N ARG B 337 -41.68 8.80 -17.97
CA ARG B 337 -41.28 10.16 -17.67
C ARG B 337 -39.78 10.25 -17.38
N PRO B 338 -39.13 11.33 -17.80
CA PRO B 338 -37.73 11.55 -17.43
C PRO B 338 -37.62 11.78 -15.93
N LEU B 339 -36.83 10.92 -15.27
CA LEU B 339 -36.76 10.87 -13.82
C LEU B 339 -35.39 11.27 -13.32
N LEU B 340 -35.35 11.65 -12.03
CA LEU B 340 -34.10 11.86 -11.31
C LEU B 340 -34.28 11.29 -9.93
N THR B 341 -33.39 10.37 -9.54
CA THR B 341 -33.47 9.71 -8.25
C THR B 341 -32.25 10.08 -7.43
N HIS B 342 -32.47 10.41 -6.16
CA HIS B 342 -31.42 10.96 -5.33
C HIS B 342 -31.57 10.39 -3.92
N PHE B 343 -30.43 10.00 -3.34
CA PHE B 343 -30.38 9.48 -1.98
C PHE B 343 -29.61 10.50 -1.15
N ASP B 344 -30.36 11.38 -0.50
CA ASP B 344 -29.72 12.41 0.30
C ASP B 344 -29.17 11.82 1.59
N ARG B 345 -28.25 12.55 2.20
CA ARG B 345 -27.75 12.14 3.50
C ARG B 345 -28.81 12.25 4.59
N ASN B 346 -29.81 13.13 4.41
CA ASN B 346 -30.82 13.29 5.44
C ASN B 346 -31.65 12.04 5.66
N GLY B 347 -31.57 11.06 4.75
CA GLY B 347 -32.25 9.80 4.92
C GLY B 347 -33.44 9.58 4.01
N PHE B 348 -33.68 10.45 3.04
CA PHE B 348 -34.83 10.38 2.16
C PHE B 348 -34.39 10.08 0.74
N GLY B 349 -35.05 9.11 0.11
CA GLY B 349 -34.80 8.82 -1.29
C GLY B 349 -35.73 9.62 -2.18
N TYR B 350 -35.20 10.67 -2.80
CA TYR B 350 -36.01 11.58 -3.60
C TYR B 350 -36.14 11.08 -5.03
N THR B 351 -37.35 11.21 -5.56
CA THR B 351 -37.63 10.92 -6.97
C THR B 351 -38.27 12.15 -7.57
N LEU B 352 -37.65 12.71 -8.61
CA LEU B 352 -38.05 13.99 -9.18
C LEU B 352 -38.14 13.90 -10.69
N ASP B 353 -39.00 14.73 -11.27
CA ASP B 353 -38.97 14.98 -12.70
C ASP B 353 -37.76 15.87 -13.01
N ARG B 354 -36.84 15.37 -13.82
CA ARG B 354 -35.63 16.12 -14.10
C ARG B 354 -35.83 17.22 -15.13
N ALA B 355 -37.05 17.35 -15.69
CA ALA B 355 -37.39 18.44 -16.59
C ALA B 355 -38.11 19.58 -15.88
N THR B 356 -39.13 19.27 -15.09
CA THR B 356 -39.92 20.26 -14.38
C THR B 356 -39.37 20.57 -12.99
N GLY B 357 -38.88 19.55 -12.29
CA GLY B 357 -38.49 19.68 -10.90
C GLY B 357 -39.54 19.17 -9.93
N GLU B 358 -40.63 18.62 -10.45
CA GLU B 358 -41.69 18.03 -9.63
C GLU B 358 -41.15 16.92 -8.75
N VAL B 359 -41.32 17.06 -7.44
CA VAL B 359 -40.92 16.02 -6.49
C VAL B 359 -42.04 14.98 -6.47
N LEU B 360 -41.76 13.80 -7.01
CA LEU B 360 -42.74 12.73 -7.11
C LEU B 360 -42.77 11.89 -5.83
N VAL B 361 -41.65 11.29 -5.49
CA VAL B 361 -41.52 10.47 -4.29
C VAL B 361 -40.41 11.05 -3.43
N ALA B 362 -40.65 11.10 -2.12
CA ALA B 362 -39.67 11.55 -1.13
C ALA B 362 -39.90 10.70 0.11
N GLU B 363 -39.44 9.46 0.04
CA GLU B 363 -39.59 8.48 1.12
C GLU B 363 -38.23 8.14 1.71
N LYS B 364 -38.26 7.62 2.94
CA LYS B 364 -37.03 7.28 3.63
C LYS B 364 -36.48 5.95 3.12
N PHE B 365 -35.17 5.92 2.89
CA PHE B 365 -34.48 4.69 2.52
C PHE B 365 -33.71 4.08 3.69
N ASP B 366 -34.00 4.52 4.90
CA ASP B 366 -33.64 3.84 6.13
C ASP B 366 -34.82 3.98 7.09
N PRO B 367 -35.38 2.86 7.60
CA PRO B 367 -36.52 2.98 8.53
C PRO B 367 -36.15 3.59 9.86
N VAL B 368 -34.85 3.75 10.17
CA VAL B 368 -34.43 4.29 11.45
C VAL B 368 -34.26 5.81 11.43
N VAL B 369 -34.45 6.45 10.27
CA VAL B 369 -34.37 7.91 10.22
C VAL B 369 -35.47 8.52 11.06
N ASN B 370 -35.09 9.42 11.98
CA ASN B 370 -36.04 9.98 12.93
C ASN B 370 -36.03 11.50 13.01
N TRP B 371 -35.12 12.19 12.30
CA TRP B 371 -35.06 13.64 12.44
C TRP B 371 -36.29 14.32 11.85
N ALA B 372 -36.95 13.69 10.89
CA ALA B 372 -38.18 14.23 10.31
C ALA B 372 -39.20 13.11 10.17
N THR B 373 -40.46 13.43 10.45
CA THR B 373 -41.53 12.44 10.26
C THR B 373 -41.67 12.06 8.80
N LYS B 374 -41.77 13.06 7.92
CA LYS B 374 -41.84 12.82 6.48
C LYS B 374 -41.58 14.15 5.78
N VAL B 375 -41.60 14.11 4.45
CA VAL B 375 -41.58 15.31 3.63
C VAL B 375 -42.99 15.54 3.13
N ASP B 376 -43.53 16.72 3.43
CA ASP B 376 -44.92 17.02 3.07
C ASP B 376 -45.03 17.23 1.57
N LEU B 377 -45.73 16.33 0.89
CA LEU B 377 -45.92 16.43 -0.55
C LEU B 377 -47.39 16.53 -0.93
N ASP B 378 -48.26 16.84 0.03
CA ASP B 378 -49.62 17.25 -0.27
C ASP B 378 -49.61 18.65 -0.87
N LYS B 379 -50.16 18.80 -2.07
CA LYS B 379 -50.00 20.04 -2.82
C LYS B 379 -50.63 21.23 -2.12
N GLY B 380 -51.59 21.01 -1.23
CA GLY B 380 -52.19 22.11 -0.49
C GLY B 380 -51.90 22.06 0.99
N SER B 381 -50.73 21.54 1.36
CA SER B 381 -50.35 21.39 2.76
C SER B 381 -49.62 22.61 3.31
N LYS B 382 -49.28 23.58 2.47
CA LYS B 382 -48.61 24.82 2.84
C LYS B 382 -47.16 24.61 3.25
N THR B 383 -46.83 23.43 3.77
CA THR B 383 -45.45 23.00 3.97
C THR B 383 -44.94 22.12 2.85
N TYR B 384 -45.53 22.25 1.65
CA TYR B 384 -45.26 21.35 0.55
C TYR B 384 -43.78 21.37 0.17
N GLY B 385 -43.19 20.17 0.09
CA GLY B 385 -41.79 20.02 -0.26
C GLY B 385 -40.83 20.21 0.88
N ARG B 386 -41.31 20.48 2.09
CA ARG B 386 -40.45 20.70 3.25
C ARG B 386 -40.59 19.55 4.24
N PRO B 387 -39.48 19.04 4.78
CA PRO B 387 -39.58 18.00 5.81
C PRO B 387 -40.08 18.56 7.13
N LEU B 388 -40.94 17.79 7.78
CA LEU B 388 -41.51 18.15 9.08
C LEU B 388 -40.51 17.83 10.18
N VAL B 389 -39.80 18.85 10.65
CA VAL B 389 -38.74 18.65 11.64
C VAL B 389 -39.34 18.18 12.96
N VAL B 390 -38.78 17.12 13.52
CA VAL B 390 -39.19 16.63 14.82
C VAL B 390 -38.58 17.52 15.90
N SER B 391 -39.41 17.93 16.87
CA SER B 391 -38.94 18.84 17.91
C SER B 391 -37.88 18.20 18.80
N LYS B 392 -37.99 16.90 19.05
CA LYS B 392 -37.06 16.22 19.94
C LYS B 392 -35.71 15.97 19.29
N TYR B 393 -35.65 15.90 17.97
CA TYR B 393 -34.42 15.68 17.23
C TYR B 393 -33.99 16.91 16.44
N SER B 394 -34.28 18.09 16.96
CA SER B 394 -33.92 19.36 16.32
C SER B 394 -32.88 20.08 17.16
N THR B 395 -31.71 20.34 16.57
CA THR B 395 -30.62 20.93 17.32
C THR B 395 -30.90 22.38 17.67
N GLU B 396 -31.65 23.09 16.81
CA GLU B 396 -31.96 24.49 17.09
C GLU B 396 -33.11 24.63 18.09
N GLN B 397 -34.07 23.71 18.07
CA GLN B 397 -35.19 23.80 19.02
C GLN B 397 -34.74 23.52 20.45
N ASN B 398 -33.75 22.63 20.63
CA ASN B 398 -33.17 22.43 21.95
C ASN B 398 -32.18 23.54 22.30
N GLY B 399 -31.66 24.25 21.32
CA GLY B 399 -30.84 25.42 21.56
C GLY B 399 -29.36 25.10 21.68
N GLU B 400 -28.57 26.16 21.79
CA GLU B 400 -27.14 26.01 21.93
C GLU B 400 -26.77 25.52 23.32
N ASP B 401 -25.63 24.83 23.41
CA ASP B 401 -25.02 24.31 24.63
C ASP B 401 -25.83 23.22 25.33
N VAL B 402 -26.77 22.57 24.62
CA VAL B 402 -27.45 21.39 25.14
C VAL B 402 -27.33 20.28 24.11
N ASN B 403 -27.10 19.06 24.59
CA ASN B 403 -26.74 17.93 23.73
C ASN B 403 -28.00 17.29 23.13
N SER B 404 -28.09 17.30 21.81
CA SER B 404 -29.18 16.64 21.08
C SER B 404 -28.83 15.16 20.90
N LYS B 405 -29.37 14.32 21.79
CA LYS B 405 -29.12 12.89 21.76
C LYS B 405 -30.14 12.18 20.87
N GLY B 406 -29.67 11.18 20.13
CA GLY B 406 -30.55 10.30 19.39
C GLY B 406 -30.78 10.65 17.95
N ILE B 407 -29.95 11.50 17.35
CA ILE B 407 -30.14 11.93 15.98
C ILE B 407 -29.79 10.78 15.04
N CYS B 408 -30.76 10.34 14.24
CA CYS B 408 -30.51 9.41 13.15
C CYS B 408 -31.09 10.00 11.86
N PRO B 409 -30.31 10.09 10.78
CA PRO B 409 -28.94 9.59 10.73
C PRO B 409 -27.95 10.57 11.34
N ALA B 410 -26.68 10.18 11.38
CA ALA B 410 -25.64 11.04 11.89
C ALA B 410 -25.30 12.12 10.86
N ALA B 411 -24.34 12.99 11.22
CA ALA B 411 -23.85 13.97 10.26
C ALA B 411 -23.30 13.29 9.02
N LEU B 412 -22.87 12.04 9.12
CA LEU B 412 -22.51 11.27 7.94
C LEU B 412 -23.69 11.02 7.04
N GLY B 413 -24.91 11.14 7.56
CA GLY B 413 -26.09 10.89 6.76
C GLY B 413 -26.34 9.40 6.59
N THR B 414 -27.48 9.01 6.02
CA THR B 414 -27.67 7.60 5.72
C THR B 414 -26.72 7.10 4.64
N LYS B 415 -26.30 7.98 3.72
CA LYS B 415 -25.39 7.62 2.66
C LYS B 415 -24.55 8.82 2.29
N ASP B 416 -23.23 8.63 2.22
CA ASP B 416 -22.32 9.73 1.96
C ASP B 416 -21.88 9.72 0.50
N GLN B 417 -20.58 9.89 0.26
CA GLN B 417 -20.10 10.08 -1.10
C GLN B 417 -20.30 8.84 -1.97
N GLN B 418 -20.50 7.67 -1.37
CA GLN B 418 -20.57 6.40 -2.09
C GLN B 418 -21.73 6.39 -3.08
N PRO B 419 -21.45 6.31 -4.39
CA PRO B 419 -22.52 6.44 -5.38
C PRO B 419 -23.33 5.16 -5.54
N ALA B 420 -24.62 5.36 -5.82
CA ALA B 420 -25.57 4.26 -6.03
C ALA B 420 -25.59 3.83 -7.49
N ALA B 421 -26.06 2.60 -7.70
CA ALA B 421 -26.14 2.01 -9.03
C ALA B 421 -27.60 1.76 -9.40
N PHE B 422 -27.87 1.74 -10.71
CA PHE B 422 -29.21 1.49 -11.22
C PHE B 422 -29.16 0.38 -12.27
N SER B 423 -30.15 -0.51 -12.22
CA SER B 423 -30.30 -1.56 -13.21
C SER B 423 -31.54 -1.31 -14.07
N PRO B 424 -31.38 -1.06 -15.37
CA PRO B 424 -32.57 -0.93 -16.24
C PRO B 424 -33.32 -2.22 -16.45
N LYS B 425 -32.76 -3.37 -16.05
CA LYS B 425 -33.43 -4.65 -16.22
C LYS B 425 -34.30 -5.01 -15.01
N THR B 426 -33.85 -4.67 -13.81
CA THR B 426 -34.66 -4.84 -12.61
C THR B 426 -35.36 -3.56 -12.16
N GLY B 427 -34.97 -2.41 -12.71
CA GLY B 427 -35.62 -1.16 -12.38
C GLY B 427 -35.42 -0.68 -10.95
N LEU B 428 -34.43 -1.22 -10.24
CA LEU B 428 -34.20 -0.91 -8.85
C LEU B 428 -32.88 -0.18 -8.68
N PHE B 429 -32.69 0.39 -7.49
CA PHE B 429 -31.51 1.19 -7.17
C PHE B 429 -30.72 0.49 -6.08
N TYR B 430 -29.45 0.17 -6.38
CA TYR B 430 -28.55 -0.49 -5.44
C TYR B 430 -27.67 0.58 -4.83
N VAL B 431 -28.00 0.98 -3.60
CA VAL B 431 -27.36 2.09 -2.92
C VAL B 431 -26.66 1.58 -1.69
N PRO B 432 -25.37 1.89 -1.48
CA PRO B 432 -24.68 1.53 -0.23
C PRO B 432 -24.93 2.60 0.84
N THR B 433 -25.58 2.20 1.92
CA THR B 433 -26.04 3.13 2.94
C THR B 433 -25.35 2.86 4.28
N ASN B 434 -25.55 3.78 5.22
CA ASN B 434 -25.04 3.70 6.58
C ASN B 434 -26.17 3.51 7.57
N HIS B 435 -25.82 2.97 8.74
CA HIS B 435 -26.75 2.71 9.83
C HIS B 435 -26.20 3.29 11.13
N VAL B 436 -25.90 4.58 11.09
CA VAL B 436 -25.24 5.26 12.21
C VAL B 436 -26.11 6.41 12.69
N CYS B 437 -25.98 6.72 13.98
CA CYS B 437 -26.67 7.84 14.60
C CYS B 437 -25.66 8.76 15.30
N MET B 438 -26.16 9.68 16.13
CA MET B 438 -25.35 10.83 16.49
C MET B 438 -25.90 11.52 17.73
N ASP B 439 -25.00 11.95 18.60
CA ASP B 439 -25.28 12.97 19.61
C ASP B 439 -24.76 14.31 19.10
N TYR B 440 -25.55 15.36 19.31
CA TYR B 440 -25.29 16.66 18.73
C TYR B 440 -25.27 17.73 19.81
N GLU B 441 -24.18 18.50 19.86
CA GLU B 441 -24.11 19.64 20.78
C GLU B 441 -23.49 20.83 20.06
N PRO B 442 -24.27 21.84 19.72
CA PRO B 442 -23.76 23.00 18.99
C PRO B 442 -23.34 24.13 19.91
N PHE B 443 -22.61 25.08 19.33
CA PHE B 443 -22.15 26.26 20.05
C PHE B 443 -21.82 27.37 19.06
N ARG B 444 -21.75 28.59 19.57
CA ARG B 444 -21.40 29.73 18.75
C ARG B 444 -19.94 29.65 18.33
N VAL B 445 -19.66 30.01 17.08
CA VAL B 445 -18.30 29.96 16.55
C VAL B 445 -18.01 31.22 15.75
N THR B 446 -16.81 31.76 15.96
CA THR B 446 -16.33 32.91 15.20
C THR B 446 -15.69 32.45 13.90
N TYR B 447 -15.96 33.20 12.82
CA TYR B 447 -15.38 32.88 11.54
C TYR B 447 -13.99 33.48 11.42
N THR B 448 -13.06 32.70 10.87
CA THR B 448 -11.69 33.15 10.61
C THR B 448 -11.27 32.55 9.28
N PRO B 449 -10.74 33.36 8.35
CA PRO B 449 -10.39 32.82 7.03
C PRO B 449 -9.22 31.85 7.14
N GLY B 450 -9.41 30.65 6.61
CA GLY B 450 -8.41 29.61 6.70
C GLY B 450 -8.58 28.69 7.89
N GLN B 451 -9.48 29.00 8.82
CA GLN B 451 -9.73 28.20 10.00
C GLN B 451 -11.09 27.53 9.92
N PRO B 452 -11.30 26.44 10.66
CA PRO B 452 -12.61 25.77 10.64
C PRO B 452 -13.71 26.67 11.18
N TYR B 453 -14.91 26.48 10.63
CA TYR B 453 -16.12 27.19 11.06
C TYR B 453 -17.21 26.14 11.28
N VAL B 454 -17.08 25.40 12.37
CA VAL B 454 -17.94 24.26 12.63
C VAL B 454 -19.08 24.64 13.58
N GLY B 455 -18.80 24.71 14.88
CA GLY B 455 -19.79 25.01 15.89
C GLY B 455 -20.62 23.81 16.31
N ALA B 456 -19.96 22.68 16.54
CA ALA B 456 -20.64 21.47 16.98
C ALA B 456 -19.61 20.44 17.42
N THR B 457 -19.88 19.79 18.55
CA THR B 457 -19.14 18.61 18.99
C THR B 457 -20.06 17.40 18.89
N LEU B 458 -19.59 16.35 18.21
CA LEU B 458 -20.44 15.20 17.92
C LEU B 458 -19.82 13.91 18.41
N SER B 459 -20.66 12.88 18.52
CA SER B 459 -20.25 11.54 18.89
C SER B 459 -21.27 10.58 18.32
N MET B 460 -20.81 9.57 17.58
CA MET B 460 -21.69 8.71 16.80
C MET B 460 -21.58 7.25 17.25
N TYR B 461 -22.57 6.46 16.83
CA TYR B 461 -22.75 5.09 17.29
C TYR B 461 -23.69 4.38 16.33
N PRO B 462 -23.70 3.05 16.33
CA PRO B 462 -24.64 2.31 15.47
C PRO B 462 -26.09 2.60 15.85
N ALA B 463 -26.98 2.30 14.90
CA ALA B 463 -28.41 2.51 15.12
C ALA B 463 -28.93 1.56 16.20
N PRO B 464 -29.75 2.06 17.13
CA PRO B 464 -30.04 1.27 18.33
C PRO B 464 -30.97 0.08 18.11
N GLY B 465 -31.93 0.17 17.18
CA GLY B 465 -32.96 -0.86 17.10
C GLY B 465 -32.83 -1.87 15.99
N SER B 466 -31.62 -2.28 15.65
CA SER B 466 -31.42 -3.24 14.57
C SER B 466 -30.37 -4.28 14.92
N HIS B 467 -29.60 -4.71 13.92
CA HIS B 467 -28.59 -5.76 14.09
C HIS B 467 -27.28 -5.22 14.65
N GLY B 468 -27.24 -3.96 15.09
CA GLY B 468 -26.03 -3.38 15.63
C GLY B 468 -24.98 -2.97 14.61
N GLY B 469 -25.18 -3.29 13.33
CA GLY B 469 -24.24 -2.88 12.33
C GLY B 469 -24.37 -1.42 11.95
N MET B 470 -23.31 -0.91 11.32
CA MET B 470 -23.23 0.51 10.96
C MET B 470 -23.47 0.75 9.47
N GLY B 471 -23.92 -0.27 8.74
CA GLY B 471 -24.18 -0.09 7.33
C GLY B 471 -25.18 -1.09 6.81
N ASN B 472 -25.73 -0.78 5.64
CA ASN B 472 -26.68 -1.64 4.96
C ASN B 472 -26.55 -1.44 3.47
N PHE B 473 -26.54 -2.53 2.71
CA PHE B 473 -26.62 -2.47 1.26
C PHE B 473 -28.04 -2.87 0.86
N ILE B 474 -28.80 -1.89 0.36
CA ILE B 474 -30.23 -2.05 0.13
C ILE B 474 -30.54 -1.89 -1.36
N ALA B 475 -31.69 -2.42 -1.75
CA ALA B 475 -32.28 -2.16 -3.05
C ALA B 475 -33.47 -1.23 -2.87
N TRP B 476 -33.68 -0.34 -3.83
CA TRP B 476 -34.62 0.77 -3.66
C TRP B 476 -35.60 0.81 -4.81
N ASP B 477 -36.89 0.83 -4.49
CA ASP B 477 -37.96 1.10 -5.44
C ASP B 477 -38.20 2.61 -5.41
N ASN B 478 -37.70 3.32 -6.43
CA ASN B 478 -37.82 4.77 -6.44
C ASN B 478 -39.18 5.25 -6.90
N LEU B 479 -39.96 4.40 -7.54
CA LEU B 479 -41.32 4.73 -7.96
C LEU B 479 -42.36 4.47 -6.88
N GLN B 480 -41.95 3.87 -5.76
CA GLN B 480 -42.85 3.61 -4.64
C GLN B 480 -42.24 3.93 -3.29
N GLY B 481 -40.94 4.20 -3.20
CA GLY B 481 -40.30 4.58 -1.96
C GLY B 481 -40.17 3.45 -0.95
N LYS B 482 -39.69 2.30 -1.40
CA LYS B 482 -39.61 1.12 -0.55
C LYS B 482 -38.25 0.42 -0.72
N ILE B 483 -37.78 -0.18 0.37
CA ILE B 483 -36.56 -0.99 0.38
C ILE B 483 -36.95 -2.44 0.15
N LYS B 484 -36.47 -3.04 -0.93
CA LYS B 484 -37.00 -4.37 -1.18
C LYS B 484 -36.15 -5.48 -0.57
N TRP B 485 -34.85 -5.32 -0.56
CA TRP B 485 -34.05 -6.20 0.27
C TRP B 485 -32.89 -5.36 0.77
N SER B 486 -32.38 -5.72 1.94
CA SER B 486 -31.28 -5.00 2.53
C SER B 486 -30.38 -6.02 3.20
N ASN B 487 -29.08 -5.85 2.99
CA ASN B 487 -28.10 -6.74 3.57
C ASN B 487 -27.36 -5.97 4.65
N PRO B 488 -27.43 -6.39 5.91
CA PRO B 488 -26.74 -5.64 6.96
C PRO B 488 -25.24 -5.81 6.83
N GLU B 489 -24.52 -4.80 7.31
CA GLU B 489 -23.06 -4.80 7.27
C GLU B 489 -22.54 -4.35 8.63
N GLN B 490 -21.41 -4.94 9.03
CA GLN B 490 -20.84 -4.62 10.33
C GLN B 490 -20.46 -3.14 10.41
N PHE B 491 -19.67 -2.68 9.45
CA PHE B 491 -19.40 -1.26 9.32
C PHE B 491 -20.26 -0.68 8.21
N SER B 492 -20.08 0.62 7.94
CA SER B 492 -20.84 1.28 6.90
C SER B 492 -20.37 0.82 5.52
N ALA B 493 -21.12 1.22 4.51
CA ALA B 493 -20.83 0.88 3.12
C ALA B 493 -20.41 2.16 2.38
N TRP B 494 -19.12 2.48 2.45
CA TRP B 494 -18.55 3.66 1.82
C TRP B 494 -18.10 3.40 0.39
N GLY B 495 -18.20 2.17 -0.09
CA GLY B 495 -17.76 1.86 -1.44
C GLY B 495 -18.89 2.01 -2.45
N GLY B 496 -18.54 2.58 -3.60
CA GLY B 496 -19.53 2.77 -4.65
C GLY B 496 -19.96 1.47 -5.29
N ALA B 497 -21.23 1.42 -5.68
CA ALA B 497 -21.81 0.22 -6.27
C ALA B 497 -21.72 0.26 -7.80
N LEU B 498 -21.77 -0.92 -8.40
CA LEU B 498 -21.77 -1.06 -9.85
C LEU B 498 -22.69 -2.21 -10.22
N ALA B 499 -23.76 -1.91 -10.94
CA ALA B 499 -24.66 -2.92 -11.47
C ALA B 499 -24.32 -3.17 -12.94
N THR B 500 -24.40 -4.44 -13.35
CA THR B 500 -24.08 -4.82 -14.72
C THR B 500 -25.19 -5.67 -15.32
N ALA B 501 -25.08 -5.90 -16.63
CA ALA B 501 -26.04 -6.72 -17.35
C ALA B 501 -25.94 -8.20 -16.98
N GLY B 502 -24.92 -8.60 -16.23
CA GLY B 502 -24.81 -9.95 -15.73
C GLY B 502 -25.61 -10.21 -14.48
N ASP B 503 -26.55 -9.31 -14.15
CA ASP B 503 -27.43 -9.45 -12.99
C ASP B 503 -26.66 -9.56 -11.67
N VAL B 504 -25.49 -8.92 -11.60
CA VAL B 504 -24.72 -8.81 -10.36
C VAL B 504 -24.55 -7.34 -10.03
N VAL B 505 -24.47 -7.05 -8.74
CA VAL B 505 -24.10 -5.72 -8.26
C VAL B 505 -22.84 -5.85 -7.41
N PHE B 506 -21.82 -5.07 -7.75
CA PHE B 506 -20.57 -5.06 -7.01
C PHE B 506 -20.53 -3.87 -6.06
N TYR B 507 -19.99 -4.09 -4.87
CA TYR B 507 -19.68 -3.00 -3.95
C TYR B 507 -18.61 -3.48 -2.99
N GLY B 508 -17.89 -2.52 -2.41
CA GLY B 508 -16.78 -2.81 -1.49
C GLY B 508 -17.10 -2.34 -0.09
N THR B 509 -16.71 -3.15 0.89
CA THR B 509 -16.89 -2.82 2.30
C THR B 509 -15.59 -2.28 2.88
N LEU B 510 -15.67 -1.81 4.12
CA LEU B 510 -14.54 -1.11 4.74
C LEU B 510 -13.61 -2.02 5.54
N GLU B 511 -13.88 -3.32 5.60
CA GLU B 511 -12.88 -4.26 6.06
C GLU B 511 -12.15 -4.90 4.88
N GLY B 512 -12.37 -4.39 3.67
CA GLY B 512 -11.65 -4.80 2.49
C GLY B 512 -12.36 -5.76 1.55
N PHE B 513 -13.61 -6.12 1.83
CA PHE B 513 -14.28 -7.15 1.05
C PHE B 513 -14.88 -6.57 -0.23
N LEU B 514 -14.60 -7.20 -1.36
CA LEU B 514 -15.30 -6.92 -2.60
C LEU B 514 -16.44 -7.93 -2.73
N LYS B 515 -17.67 -7.43 -2.65
CA LYS B 515 -18.85 -8.27 -2.63
C LYS B 515 -19.63 -8.12 -3.93
N ALA B 516 -20.14 -9.23 -4.44
CA ALA B 516 -21.05 -9.27 -5.58
C ALA B 516 -22.33 -9.95 -5.13
N VAL B 517 -23.47 -9.28 -5.33
CA VAL B 517 -24.76 -9.79 -4.91
C VAL B 517 -25.63 -10.00 -6.15
N ASP B 518 -26.80 -10.59 -5.92
CA ASP B 518 -27.75 -10.80 -7.00
C ASP B 518 -28.53 -9.50 -7.25
N SER B 519 -28.86 -9.27 -8.53
CA SER B 519 -29.57 -8.06 -8.88
C SER B 519 -30.99 -8.06 -8.32
N LYS B 520 -31.65 -9.21 -8.34
CA LYS B 520 -33.03 -9.33 -7.86
C LYS B 520 -33.10 -9.82 -6.42
N THR B 521 -32.44 -10.93 -6.11
CA THR B 521 -32.52 -11.51 -4.76
C THR B 521 -31.69 -10.71 -3.76
N GLY B 522 -30.45 -10.38 -4.14
CA GLY B 522 -29.54 -9.71 -3.23
C GLY B 522 -28.62 -10.63 -2.48
N LYS B 523 -28.70 -11.94 -2.71
CA LYS B 523 -27.83 -12.89 -2.02
C LYS B 523 -26.38 -12.71 -2.43
N GLU B 524 -25.48 -12.81 -1.46
CA GLU B 524 -24.06 -12.67 -1.73
C GLU B 524 -23.56 -13.82 -2.59
N LEU B 525 -22.91 -13.48 -3.71
CA LEU B 525 -22.36 -14.48 -4.62
C LEU B 525 -20.84 -14.53 -4.63
N TYR B 526 -20.16 -13.43 -4.32
CA TYR B 526 -18.71 -13.38 -4.31
C TYR B 526 -18.24 -12.49 -3.16
N LYS B 527 -17.05 -12.80 -2.64
CA LYS B 527 -16.49 -12.07 -1.51
C LYS B 527 -14.99 -12.30 -1.50
N PHE B 528 -14.21 -11.23 -1.67
CA PHE B 528 -12.76 -11.32 -1.68
C PHE B 528 -12.17 -10.22 -0.82
N LYS B 529 -11.08 -10.55 -0.11
CA LYS B 529 -10.40 -9.64 0.80
C LYS B 529 -9.37 -8.84 0.02
N THR B 530 -9.71 -7.59 -0.31
CA THR B 530 -8.75 -6.67 -0.87
C THR B 530 -7.86 -6.11 0.25
N PRO B 531 -6.68 -5.57 -0.09
CA PRO B 531 -5.69 -5.30 0.97
C PRO B 531 -6.12 -4.26 1.99
N SER B 532 -7.00 -3.33 1.64
CA SER B 532 -7.49 -2.35 2.58
C SER B 532 -8.96 -2.07 2.33
N GLY B 533 -9.54 -1.27 3.21
CA GLY B 533 -10.96 -0.95 3.13
C GLY B 533 -11.28 -0.16 1.87
N ILE B 534 -12.47 -0.39 1.35
CA ILE B 534 -12.88 0.14 0.05
C ILE B 534 -13.75 1.37 0.28
N ILE B 535 -13.23 2.54 -0.07
CA ILE B 535 -14.03 3.75 -0.17
C ILE B 535 -14.14 4.24 -1.62
N GLY B 536 -13.54 3.51 -2.56
CA GLY B 536 -13.67 3.84 -3.96
C GLY B 536 -14.86 3.12 -4.60
N ASN B 537 -15.02 3.35 -5.89
CA ASN B 537 -16.14 2.80 -6.64
C ASN B 537 -15.66 1.64 -7.51
N VAL B 538 -16.48 0.60 -7.60
CA VAL B 538 -16.18 -0.55 -8.43
C VAL B 538 -16.43 -0.18 -9.89
N MET B 539 -15.45 -0.46 -10.75
CA MET B 539 -15.59 -0.30 -12.18
C MET B 539 -15.33 -1.61 -12.90
N THR B 540 -15.75 -1.67 -14.16
CA THR B 540 -15.43 -2.80 -15.01
C THR B 540 -15.08 -2.30 -16.40
N TYR B 541 -14.37 -3.14 -17.15
CA TYR B 541 -13.93 -2.84 -18.49
C TYR B 541 -13.61 -4.17 -19.17
N GLU B 542 -13.33 -4.09 -20.47
CA GLU B 542 -13.02 -5.27 -21.27
C GLU B 542 -11.70 -5.06 -21.99
N HIS B 543 -10.76 -5.97 -21.78
CA HIS B 543 -9.44 -5.91 -22.39
C HIS B 543 -9.18 -7.20 -23.14
N LYS B 544 -8.94 -7.09 -24.45
CA LYS B 544 -8.69 -8.24 -25.32
C LYS B 544 -9.86 -9.23 -25.30
N GLY B 545 -11.08 -8.69 -25.18
CA GLY B 545 -12.29 -9.48 -25.24
C GLY B 545 -12.74 -10.09 -23.94
N LYS B 546 -11.95 -9.98 -22.88
CA LYS B 546 -12.32 -10.53 -21.57
C LYS B 546 -12.62 -9.40 -20.61
N GLN B 547 -13.75 -9.50 -19.91
CA GLN B 547 -14.18 -8.45 -19.02
C GLN B 547 -13.45 -8.55 -17.68
N HIS B 548 -12.93 -7.42 -17.21
CA HIS B 548 -12.27 -7.32 -15.93
C HIS B 548 -13.01 -6.33 -15.05
N VAL B 549 -13.04 -6.61 -13.75
CA VAL B 549 -13.61 -5.71 -12.75
C VAL B 549 -12.50 -5.31 -11.79
N ALA B 550 -12.45 -4.02 -11.46
CA ALA B 550 -11.35 -3.47 -10.67
C ALA B 550 -11.91 -2.52 -9.61
N VAL B 551 -11.20 -2.44 -8.49
CA VAL B 551 -11.60 -1.58 -7.39
C VAL B 551 -10.35 -1.07 -6.68
N LEU B 552 -10.44 0.16 -6.18
CA LEU B 552 -9.34 0.78 -5.46
C LEU B 552 -9.46 0.50 -3.96
N SER B 553 -8.33 0.21 -3.33
CA SER B 553 -8.28 -0.02 -1.90
C SER B 553 -7.48 1.08 -1.22
N GLY B 554 -7.70 1.19 0.09
CA GLY B 554 -7.09 2.24 0.87
C GLY B 554 -8.15 3.03 1.60
N VAL B 555 -8.51 2.59 2.80
CA VAL B 555 -9.66 3.17 3.48
C VAL B 555 -9.27 4.51 4.09
N GLY B 556 -10.25 5.38 4.20
CA GLY B 556 -10.01 6.75 4.56
C GLY B 556 -11.30 7.52 4.39
N GLY B 557 -11.26 8.64 3.69
CA GLY B 557 -12.46 9.44 3.64
C GLY B 557 -12.72 9.90 5.06
N TRP B 558 -13.98 9.75 5.52
CA TRP B 558 -14.29 10.03 6.91
C TRP B 558 -14.72 8.83 7.74
N ALA B 559 -15.01 7.68 7.13
CA ALA B 559 -15.26 6.51 7.93
C ALA B 559 -13.96 5.90 8.40
N GLY B 560 -12.87 6.16 7.68
CA GLY B 560 -11.55 5.76 8.09
C GLY B 560 -10.70 6.96 8.48
N ILE B 561 -11.35 8.08 8.86
CA ILE B 561 -10.60 9.28 9.22
C ILE B 561 -9.84 9.11 10.52
N GLY B 562 -10.28 8.19 11.39
CA GLY B 562 -9.51 7.91 12.59
C GLY B 562 -8.24 7.14 12.29
N LEU B 563 -8.30 6.22 11.32
CA LEU B 563 -7.12 5.46 10.94
C LEU B 563 -6.24 6.23 9.96
N ALA B 564 -6.84 7.07 9.10
CA ALA B 564 -6.06 7.79 8.10
C ALA B 564 -5.21 8.87 8.75
N ALA B 565 -5.80 9.65 9.66
CA ALA B 565 -5.10 10.73 10.34
C ALA B 565 -4.48 10.30 11.66
N GLY B 566 -4.69 9.06 12.09
CA GLY B 566 -4.17 8.61 13.36
C GLY B 566 -4.88 9.14 14.58
N LEU B 567 -6.15 9.53 14.45
CA LEU B 567 -6.88 10.07 15.59
C LEU B 567 -7.28 8.95 16.54
N THR B 568 -7.09 9.20 17.84
CA THR B 568 -7.39 8.21 18.86
C THR B 568 -8.48 8.66 19.84
N ASP B 569 -8.68 9.96 20.03
CA ASP B 569 -9.72 10.41 20.93
C ASP B 569 -11.10 10.10 20.35
N PRO B 570 -12.08 9.72 21.19
CA PRO B 570 -13.38 9.31 20.64
C PRO B 570 -14.21 10.46 20.11
N ASN B 571 -14.00 11.70 20.59
CA ASN B 571 -14.77 12.84 20.10
C ASN B 571 -14.09 13.58 18.96
N ALA B 572 -12.81 13.32 18.71
CA ALA B 572 -12.11 14.00 17.62
C ALA B 572 -12.56 13.45 16.26
N GLY B 573 -12.13 14.12 15.20
CA GLY B 573 -12.54 13.75 13.87
C GLY B 573 -14.01 13.92 13.60
N LEU B 574 -14.69 14.79 14.34
CA LEU B 574 -16.12 15.03 14.23
C LEU B 574 -16.94 13.76 14.48
N GLY B 575 -16.46 12.88 15.38
CA GLY B 575 -17.23 11.78 15.89
C GLY B 575 -16.94 10.43 15.26
N ALA B 576 -16.31 10.38 14.09
CA ALA B 576 -16.13 9.11 13.40
C ALA B 576 -14.89 8.34 13.85
N VAL B 577 -13.97 8.99 14.57
CA VAL B 577 -12.77 8.29 15.02
C VAL B 577 -13.13 7.26 16.09
N GLY B 578 -13.91 7.68 17.09
CA GLY B 578 -14.37 6.76 18.11
C GLY B 578 -15.53 5.88 17.67
N GLY B 579 -16.30 6.31 16.69
CA GLY B 579 -17.42 5.50 16.22
C GLY B 579 -16.96 4.28 15.45
N TYR B 580 -15.98 4.45 14.58
CA TYR B 580 -15.37 3.35 13.83
C TYR B 580 -14.08 2.89 14.50
N ALA B 581 -14.14 2.64 15.81
CA ALA B 581 -12.95 2.28 16.56
C ALA B 581 -12.46 0.89 16.20
N ALA B 582 -13.39 -0.05 16.04
CA ALA B 582 -13.04 -1.41 15.67
C ALA B 582 -12.62 -1.56 14.21
N LEU B 583 -12.68 -0.48 13.44
CA LEU B 583 -12.35 -0.57 12.02
C LEU B 583 -10.86 -0.86 11.80
N SER B 584 -10.01 -0.41 12.70
CA SER B 584 -8.57 -0.69 12.59
C SER B 584 -8.20 -2.07 13.10
N SER B 585 -9.17 -2.86 13.56
CA SER B 585 -8.94 -4.26 13.86
C SER B 585 -9.08 -5.13 12.62
N TYR B 586 -9.54 -4.57 11.50
CA TYR B 586 -9.75 -5.30 10.27
C TYR B 586 -8.90 -4.80 9.11
N THR B 587 -8.39 -3.57 9.18
CA THR B 587 -7.76 -2.96 8.03
C THR B 587 -6.79 -1.88 8.48
N ASN B 588 -5.75 -1.66 7.67
CA ASN B 588 -4.80 -0.57 7.83
C ASN B 588 -4.92 0.40 6.65
N LEU B 589 -3.97 1.33 6.55
CA LEU B 589 -3.92 2.20 5.38
C LEU B 589 -3.51 1.39 4.16
N GLY B 590 -3.95 1.83 2.99
CA GLY B 590 -3.70 1.10 1.77
C GLY B 590 -3.57 2.00 0.56
N GLY B 591 -3.22 1.39 -0.56
CA GLY B 591 -3.03 2.10 -1.80
C GLY B 591 -2.78 1.15 -2.95
N GLN B 592 -3.67 0.18 -3.11
CA GLN B 592 -3.55 -0.83 -4.15
C GLN B 592 -4.81 -0.86 -4.99
N LEU B 593 -4.63 -1.17 -6.27
CA LEU B 593 -5.73 -1.42 -7.19
C LEU B 593 -5.78 -2.90 -7.49
N THR B 594 -6.92 -3.53 -7.26
CA THR B 594 -7.11 -4.96 -7.48
C THR B 594 -8.03 -5.16 -8.66
N VAL B 595 -7.57 -5.92 -9.64
CA VAL B 595 -8.34 -6.21 -10.85
C VAL B 595 -8.73 -7.68 -10.82
N PHE B 596 -9.99 -7.95 -11.15
CA PHE B 596 -10.57 -9.28 -11.09
C PHE B 596 -11.00 -9.70 -12.49
N SER B 597 -11.11 -11.00 -12.70
CA SER B 597 -11.56 -11.54 -13.98
C SER B 597 -11.89 -13.01 -13.79
N LEU B 598 -12.37 -13.64 -14.86
CA LEU B 598 -12.62 -15.07 -14.87
C LEU B 598 -11.37 -15.81 -15.32
N PRO B 599 -11.22 -17.09 -14.93
CA PRO B 599 -9.99 -17.81 -15.28
C PRO B 599 -9.87 -18.12 -16.76
N ASN B 600 -10.97 -18.43 -17.43
CA ASN B 600 -10.96 -18.85 -18.83
C ASN B 600 -10.05 -20.05 -19.04
LA LA C . 28.22 -2.69 3.58
LA LA D . -20.21 19.16 5.32
#